data_7JJD
# 
_entry.id   7JJD 
# 
_audit_conform.dict_name       mmcif_pdbx.dic 
_audit_conform.dict_version    5.380 
_audit_conform.dict_location   http://mmcif.pdb.org/dictionaries/ascii/mmcif_pdbx.dic 
# 
loop_
_database_2.database_id 
_database_2.database_code 
_database_2.pdbx_database_accession 
_database_2.pdbx_DOI 
PDB   7JJD         pdb_00007jjd 10.2210/pdb7jjd/pdb 
WWPDB D_1000250942 ?            ?                   
# 
_pdbx_database_status.status_code                     REL 
_pdbx_database_status.status_code_sf                  REL 
_pdbx_database_status.status_code_mr                  ? 
_pdbx_database_status.entry_id                        7JJD 
_pdbx_database_status.recvd_initial_deposition_date   2020-07-25 
_pdbx_database_status.SG_entry                        N 
_pdbx_database_status.deposit_site                    RCSB 
_pdbx_database_status.process_site                    RCSB 
_pdbx_database_status.status_code_cs                  ? 
_pdbx_database_status.status_code_nmr_data            ? 
_pdbx_database_status.methods_development_category    ? 
_pdbx_database_status.pdb_format_compatible           Y 
# 
loop_
_audit_author.name 
_audit_author.pdbx_ordinal 
_audit_author.identifier_ORCID 
'Pallan, P.S.' 1 ?                   
'Egli, M.'     2 ?                   
'Harp, J.M.'   3 0000-0002-9116-5606 
# 
_citation.abstract                  ? 
_citation.abstract_id_CAS           ? 
_citation.book_id_ISBN              ? 
_citation.book_publisher            ? 
_citation.book_publisher_city       ? 
_citation.book_title                ? 
_citation.coordinate_linkage        ? 
_citation.country                   US 
_citation.database_id_Medline       ? 
_citation.details                   ? 
_citation.id                        primary 
_citation.journal_abbrev            Biochemistry 
_citation.journal_id_ASTM           BICHAW 
_citation.journal_id_CSD            0033 
_citation.journal_id_ISSN           0006-2960 
_citation.journal_full              ? 
_citation.journal_issue             ? 
_citation.journal_volume            59 
_citation.language                  ? 
_citation.page_first                4627 
_citation.page_last                 4637 
_citation.title                     
'Incorporating a Thiophosphate Modification into a Common RNA Tetraloop Motif Causes an Unanticipated Stability Boost.' 
_citation.year                      2020 
_citation.database_id_CSD           ? 
_citation.pdbx_database_id_DOI      10.1021/acs.biochem.0c00685 
_citation.pdbx_database_id_PubMed   33275419 
_citation.unpublished_flag          ? 
# 
loop_
_citation_author.citation_id 
_citation_author.name 
_citation_author.ordinal 
_citation_author.identifier_ORCID 
primary 'Pallan, P.S.'   1 ?                   
primary 'Lybrand, T.P.'  2 0000-0002-2248-104X 
primary 'Schlegel, M.K.' 3 0000-0002-0127-608X 
primary 'Harp, J.M.'     4 ?                   
primary 'Jahns, H.'      5 ?                   
primary 'Manoharan, M.'  6 0000-0002-7931-1172 
primary 'Egli, M.'       7 0000-0003-4145-356X 
# 
_cell.angle_alpha                  90.000 
_cell.angle_alpha_esd              ? 
_cell.angle_beta                   90.000 
_cell.angle_beta_esd               ? 
_cell.angle_gamma                  90.000 
_cell.angle_gamma_esd              ? 
_cell.entry_id                     7JJD 
_cell.details                      ? 
_cell.formula_units_Z              ? 
_cell.length_a                     29.639 
_cell.length_a_esd                 ? 
_cell.length_b                     29.639 
_cell.length_b_esd                 ? 
_cell.length_c                     76.658 
_cell.length_c_esd                 ? 
_cell.volume                       ? 
_cell.volume_esd                   ? 
_cell.Z_PDB                        4 
_cell.reciprocal_angle_alpha       ? 
_cell.reciprocal_angle_beta        ? 
_cell.reciprocal_angle_gamma       ? 
_cell.reciprocal_angle_alpha_esd   ? 
_cell.reciprocal_angle_beta_esd    ? 
_cell.reciprocal_angle_gamma_esd   ? 
_cell.reciprocal_length_a          ? 
_cell.reciprocal_length_b          ? 
_cell.reciprocal_length_c          ? 
_cell.reciprocal_length_a_esd      ? 
_cell.reciprocal_length_b_esd      ? 
_cell.reciprocal_length_c_esd      ? 
_cell.pdbx_unique_axis             ? 
# 
_symmetry.entry_id                         7JJD 
_symmetry.cell_setting                     ? 
_symmetry.Int_Tables_number                78 
_symmetry.space_group_name_Hall            ? 
_symmetry.space_group_name_H-M             'P 43' 
_symmetry.pdbx_full_space_group_name_H-M   ? 
# 
loop_
_entity.id 
_entity.type 
_entity.src_method 
_entity.pdbx_description 
_entity.formula_weight 
_entity.pdbx_number_of_molecules 
_entity.pdbx_ec 
_entity.pdbx_mutation 
_entity.pdbx_fragment 
_entity.details 
1 polymer syn 'RNA (27-MER)' 8760.319 1   ? ? ? ? 
2 water   nat water          18.015   113 ? ? ? ? 
# 
_entity_poly.entity_id                      1 
_entity_poly.type                           polyribonucleotide 
_entity_poly.nstd_linkage                   no 
_entity_poly.nstd_monomer                   yes 
_entity_poly.pdbx_seq_one_letter_code       'UGCUCCUAGUACGA(G46)AGGACCGGAGUG' 
_entity_poly.pdbx_seq_one_letter_code_can   UGCUCCUAGUACGAGAGGACCGGAGUG 
_entity_poly.pdbx_strand_id                 A 
_entity_poly.pdbx_target_identifier         ? 
# 
loop_
_entity_poly_seq.entity_id 
_entity_poly_seq.num 
_entity_poly_seq.mon_id 
_entity_poly_seq.hetero 
1 1  U   n 
1 2  G   n 
1 3  C   n 
1 4  U   n 
1 5  C   n 
1 6  C   n 
1 7  U   n 
1 8  A   n 
1 9  G   n 
1 10 U   n 
1 11 A   n 
1 12 C   n 
1 13 G   n 
1 14 A   n 
1 15 G46 n 
1 16 A   n 
1 17 G   n 
1 18 G   n 
1 19 A   n 
1 20 C   n 
1 21 C   n 
1 22 G   n 
1 23 G   n 
1 24 A   n 
1 25 G   n 
1 26 U   n 
1 27 G   n 
# 
_pdbx_entity_src_syn.entity_id              1 
_pdbx_entity_src_syn.pdbx_src_id            1 
_pdbx_entity_src_syn.pdbx_alt_source_flag   sample 
_pdbx_entity_src_syn.pdbx_beg_seq_num       1 
_pdbx_entity_src_syn.pdbx_end_seq_num       27 
_pdbx_entity_src_syn.organism_scientific    'synthetic construct' 
_pdbx_entity_src_syn.organism_common_name   ? 
_pdbx_entity_src_syn.ncbi_taxonomy_id       32630 
_pdbx_entity_src_syn.details                ? 
# 
_struct_ref.id                         1 
_struct_ref.db_name                    PDB 
_struct_ref.db_code                    7JJD 
_struct_ref.pdbx_db_accession          7JJD 
_struct_ref.pdbx_db_isoform            ? 
_struct_ref.entity_id                  1 
_struct_ref.pdbx_seq_one_letter_code   ? 
_struct_ref.pdbx_align_begin           1 
# 
_struct_ref_seq.align_id                      1 
_struct_ref_seq.ref_id                        1 
_struct_ref_seq.pdbx_PDB_id_code              7JJD 
_struct_ref_seq.pdbx_strand_id                A 
_struct_ref_seq.seq_align_beg                 1 
_struct_ref_seq.pdbx_seq_align_beg_ins_code   ? 
_struct_ref_seq.seq_align_end                 27 
_struct_ref_seq.pdbx_seq_align_end_ins_code   ? 
_struct_ref_seq.pdbx_db_accession             7JJD 
_struct_ref_seq.db_align_beg                  2647 
_struct_ref_seq.pdbx_db_align_beg_ins_code    ? 
_struct_ref_seq.db_align_end                  2673 
_struct_ref_seq.pdbx_db_align_end_ins_code    ? 
_struct_ref_seq.pdbx_auth_seq_align_beg       2647 
_struct_ref_seq.pdbx_auth_seq_align_end       2673 
# 
loop_
_chem_comp.id 
_chem_comp.type 
_chem_comp.mon_nstd_flag 
_chem_comp.name 
_chem_comp.pdbx_synonyms 
_chem_comp.formula 
_chem_comp.formula_weight 
A   'RNA linking' y "ADENOSINE-5'-MONOPHOSPHATE"     ?                             'C10 H14 N5 O7 P'   347.221 
C   'RNA linking' y "CYTIDINE-5'-MONOPHOSPHATE"      ?                             'C9 H14 N3 O8 P'    323.197 
G   'RNA linking' y "GUANOSINE-5'-MONOPHOSPHATE"     ?                             'C10 H14 N5 O8 P'   363.221 
G46 'RNA linking' n "GUANOSINE-5'-MONOTHIOPHOSPHATE" "5'-O-thiophosphonoguanosine" 'C10 H14 N5 O7 P S' 379.286 
HOH non-polymer   . WATER                            ?                             'H2 O'              18.015  
U   'RNA linking' y "URIDINE-5'-MONOPHOSPHATE"       ?                             'C9 H13 N2 O9 P'    324.181 
# 
_exptl.absorpt_coefficient_mu     ? 
_exptl.absorpt_correction_T_max   ? 
_exptl.absorpt_correction_T_min   ? 
_exptl.absorpt_correction_type    ? 
_exptl.absorpt_process_details    ? 
_exptl.entry_id                   7JJD 
_exptl.crystals_number            1 
_exptl.details                    ? 
_exptl.method                     'X-RAY DIFFRACTION' 
_exptl.method_details             ? 
# 
_exptl_crystal.colour                      ? 
_exptl_crystal.density_diffrn              ? 
_exptl_crystal.density_Matthews            1.96 
_exptl_crystal.density_method              ? 
_exptl_crystal.density_percent_sol         37.15 
_exptl_crystal.description                 ? 
_exptl_crystal.F_000                       ? 
_exptl_crystal.id                          1 
_exptl_crystal.preparation                 ? 
_exptl_crystal.size_max                    ? 
_exptl_crystal.size_mid                    ? 
_exptl_crystal.size_min                    ? 
_exptl_crystal.size_rad                    ? 
_exptl_crystal.colour_lustre               ? 
_exptl_crystal.colour_modifier             ? 
_exptl_crystal.colour_primary              ? 
_exptl_crystal.density_meas                ? 
_exptl_crystal.density_meas_esd            ? 
_exptl_crystal.density_meas_gt             ? 
_exptl_crystal.density_meas_lt             ? 
_exptl_crystal.density_meas_temp           ? 
_exptl_crystal.density_meas_temp_esd       ? 
_exptl_crystal.density_meas_temp_gt        ? 
_exptl_crystal.density_meas_temp_lt        ? 
_exptl_crystal.pdbx_crystal_image_url      ? 
_exptl_crystal.pdbx_crystal_image_format   ? 
_exptl_crystal.pdbx_mosaicity              ? 
_exptl_crystal.pdbx_mosaicity_esd          ? 
# 
_exptl_crystal_grow.apparatus       ? 
_exptl_crystal_grow.atmosphere      ? 
_exptl_crystal_grow.crystal_id      1 
_exptl_crystal_grow.details         ? 
_exptl_crystal_grow.method          'VAPOR DIFFUSION, HANGING DROP' 
_exptl_crystal_grow.method_ref      ? 
_exptl_crystal_grow.pH              ? 
_exptl_crystal_grow.pressure        ? 
_exptl_crystal_grow.pressure_esd    ? 
_exptl_crystal_grow.seeding         ? 
_exptl_crystal_grow.seeding_ref     ? 
_exptl_crystal_grow.temp            293 
_exptl_crystal_grow.temp_details    ? 
_exptl_crystal_grow.temp_esd        ? 
_exptl_crystal_grow.time            ? 
_exptl_crystal_grow.pdbx_details    
;Crystallization set-ups were made by mixing 4 uL of 350 uM RNA solution  [1 mM
Na 2 EDTA (pH 8.0) and 10 mM Tris-HCl (pH 8.0)] with 2 uL of a crystallization buffer composed of 3.0 M ammonium sulfate,
10 mM magnesium chloride, 10 mM manganese chloride, and 50 mM potassium 3-(N-morpholino) propanesulfonic acid (MOPS), pH 7.0 at 18 C.
;
_exptl_crystal_grow.pdbx_pH_range   7 
# 
_diffrn.ambient_environment              ? 
_diffrn.ambient_temp                     100 
_diffrn.ambient_temp_details             ? 
_diffrn.ambient_temp_esd                 ? 
_diffrn.crystal_id                       1 
_diffrn.crystal_support                  ? 
_diffrn.crystal_treatment                ? 
_diffrn.details                          ? 
_diffrn.id                               1 
_diffrn.ambient_pressure                 ? 
_diffrn.ambient_pressure_esd             ? 
_diffrn.ambient_pressure_gt              ? 
_diffrn.ambient_pressure_lt              ? 
_diffrn.ambient_temp_gt                  ? 
_diffrn.ambient_temp_lt                  ? 
_diffrn.pdbx_serial_crystal_experiment   N 
# 
_diffrn_detector.details                      ? 
_diffrn_detector.detector                     CCD 
_diffrn_detector.diffrn_id                    1 
_diffrn_detector.type                         'MARMOSAIC 300 mm CCD' 
_diffrn_detector.area_resol_mean              ? 
_diffrn_detector.dtime                        ? 
_diffrn_detector.pdbx_frames_total            ? 
_diffrn_detector.pdbx_collection_time_total   ? 
_diffrn_detector.pdbx_collection_date         2018-04-10 
_diffrn_detector.pdbx_frequency               ? 
# 
_diffrn_radiation.collimation                      ? 
_diffrn_radiation.diffrn_id                        1 
_diffrn_radiation.filter_edge                      ? 
_diffrn_radiation.inhomogeneity                    ? 
_diffrn_radiation.monochromator                    'C(111)' 
_diffrn_radiation.polarisn_norm                    ? 
_diffrn_radiation.polarisn_ratio                   ? 
_diffrn_radiation.probe                            ? 
_diffrn_radiation.type                             ? 
_diffrn_radiation.xray_symbol                      ? 
_diffrn_radiation.wavelength_id                    1 
_diffrn_radiation.pdbx_monochromatic_or_laue_m_l   M 
_diffrn_radiation.pdbx_wavelength_list             ? 
_diffrn_radiation.pdbx_wavelength                  ? 
_diffrn_radiation.pdbx_diffrn_protocol             'SINGLE WAVELENGTH' 
_diffrn_radiation.pdbx_analyzer                    ? 
_diffrn_radiation.pdbx_scattering_type             x-ray 
# 
_diffrn_radiation_wavelength.id           1 
_diffrn_radiation_wavelength.wavelength   0.97857 
_diffrn_radiation_wavelength.wt           1.0 
# 
_diffrn_source.current                     ? 
_diffrn_source.details                     ? 
_diffrn_source.diffrn_id                   1 
_diffrn_source.power                       ? 
_diffrn_source.size                        ? 
_diffrn_source.source                      SYNCHROTRON 
_diffrn_source.target                      ? 
_diffrn_source.type                        'APS BEAMLINE 21-ID-G' 
_diffrn_source.voltage                     ? 
_diffrn_source.take-off_angle              ? 
_diffrn_source.pdbx_wavelength_list        0.97857 
_diffrn_source.pdbx_wavelength             ? 
_diffrn_source.pdbx_synchrotron_beamline   21-ID-G 
_diffrn_source.pdbx_synchrotron_site       APS 
# 
_reflns.B_iso_Wilson_estimate            ? 
_reflns.entry_id                         7JJD 
_reflns.data_reduction_details           ? 
_reflns.data_reduction_method            ? 
_reflns.d_resolution_high                1.210 
_reflns.d_resolution_low                 50.000 
_reflns.details                          ? 
_reflns.limit_h_max                      ? 
_reflns.limit_h_min                      ? 
_reflns.limit_k_max                      ? 
_reflns.limit_k_min                      ? 
_reflns.limit_l_max                      ? 
_reflns.limit_l_min                      ? 
_reflns.number_all                       ? 
_reflns.number_obs                       19854 
_reflns.observed_criterion               ? 
_reflns.observed_criterion_F_max         ? 
_reflns.observed_criterion_F_min         ? 
_reflns.observed_criterion_I_max         ? 
_reflns.observed_criterion_I_min         ? 
_reflns.observed_criterion_sigma_F       ? 
_reflns.observed_criterion_sigma_I       ? 
_reflns.percent_possible_obs             99.200 
_reflns.R_free_details                   ? 
_reflns.Rmerge_F_all                     ? 
_reflns.Rmerge_F_obs                     ? 
_reflns.Friedel_coverage                 ? 
_reflns.number_gt                        ? 
_reflns.threshold_expression             ? 
_reflns.pdbx_redundancy                  4.600 
_reflns.pdbx_Rmerge_I_obs                0.055 
_reflns.pdbx_Rmerge_I_all                ? 
_reflns.pdbx_Rsym_value                  ? 
_reflns.pdbx_netI_over_av_sigmaI         ? 
_reflns.pdbx_netI_over_sigmaI            11.700 
_reflns.pdbx_res_netI_over_av_sigmaI_2   ? 
_reflns.pdbx_res_netI_over_sigmaI_2      ? 
_reflns.pdbx_chi_squared                 2.118 
_reflns.pdbx_scaling_rejects             ? 
_reflns.pdbx_d_res_high_opt              ? 
_reflns.pdbx_d_res_low_opt               ? 
_reflns.pdbx_d_res_opt_method            ? 
_reflns.phase_calculation_details        ? 
_reflns.pdbx_Rrim_I_all                  0.062 
_reflns.pdbx_Rpim_I_all                  0.028 
_reflns.pdbx_d_opt                       ? 
_reflns.pdbx_number_measured_all         91157 
_reflns.pdbx_diffrn_id                   1 
_reflns.pdbx_ordinal                     1 
_reflns.pdbx_CC_half                     ? 
_reflns.pdbx_CC_star                     ? 
_reflns.pdbx_R_split                     ? 
# 
loop_
_reflns_shell.d_res_high 
_reflns_shell.d_res_low 
_reflns_shell.meanI_over_sigI_all 
_reflns_shell.meanI_over_sigI_obs 
_reflns_shell.number_measured_all 
_reflns_shell.number_measured_obs 
_reflns_shell.number_possible 
_reflns_shell.number_unique_all 
_reflns_shell.number_unique_obs 
_reflns_shell.percent_possible_all 
_reflns_shell.percent_possible_obs 
_reflns_shell.Rmerge_F_all 
_reflns_shell.Rmerge_F_obs 
_reflns_shell.Rmerge_I_all 
_reflns_shell.Rmerge_I_obs 
_reflns_shell.meanI_over_sigI_gt 
_reflns_shell.meanI_over_uI_all 
_reflns_shell.meanI_over_uI_gt 
_reflns_shell.number_measured_gt 
_reflns_shell.number_unique_gt 
_reflns_shell.percent_possible_gt 
_reflns_shell.Rmerge_F_gt 
_reflns_shell.Rmerge_I_gt 
_reflns_shell.pdbx_redundancy 
_reflns_shell.pdbx_Rsym_value 
_reflns_shell.pdbx_chi_squared 
_reflns_shell.pdbx_netI_over_sigmaI_all 
_reflns_shell.pdbx_netI_over_sigmaI_obs 
_reflns_shell.pdbx_Rrim_I_all 
_reflns_shell.pdbx_Rpim_I_all 
_reflns_shell.pdbx_rejects 
_reflns_shell.pdbx_ordinal 
_reflns_shell.pdbx_diffrn_id 
_reflns_shell.pdbx_CC_half 
_reflns_shell.pdbx_CC_star 
_reflns_shell.pdbx_R_split 
1.210 1.250  ? ? ? ? ? ? 1912 95.600  ? ? ? ? 0.538 ? ? ? ? ? ? ? ? 3.600 ? 0.916 ? ? 0.629 0.320 ? 1  1 0.764 ? ? 
1.250 1.300  ? ? ? ? ? ? 1983 98.500  ? ? ? ? 0.479 ? ? ? ? ? ? ? ? 4.400 ? 1.154 ? ? 0.543 0.253 ? 2  1 0.796 ? ? 
1.300 1.360  ? ? ? ? ? ? 1963 99.400  ? ? ? ? 0.401 ? ? ? ? ? ? ? ? 4.600 ? 1.457 ? ? 0.451 0.203 ? 3  1 0.858 ? ? 
1.360 1.430  ? ? ? ? ? ? 2006 99.800  ? ? ? ? 0.307 ? ? ? ? ? ? ? ? 4.600 ? 1.652 ? ? 0.346 0.157 ? 4  1 0.904 ? ? 
1.430 1.520  ? ? ? ? ? ? 1967 99.500  ? ? ? ? 0.228 ? ? ? ? ? ? ? ? 4.600 ? 2.055 ? ? 0.257 0.117 ? 5  1 0.944 ? ? 
1.520 1.640  ? ? ? ? ? ? 2000 99.800  ? ? ? ? 0.144 ? ? ? ? ? ? ? ? 4.500 ? 2.558 ? ? 0.164 0.076 ? 6  1 0.979 ? ? 
1.640 1.810  ? ? ? ? ? ? 1975 99.900  ? ? ? ? 0.097 ? ? ? ? ? ? ? ? 4.600 ? 2.857 ? ? 0.109 0.051 ? 7  1 0.989 ? ? 
1.810 2.070  ? ? ? ? ? ? 2002 100.000 ? ? ? ? 0.078 ? ? ? ? ? ? ? ? 4.800 ? 3.066 ? ? 0.087 0.039 ? 8  1 0.991 ? ? 
2.070 2.610  ? ? ? ? ? ? 2008 100.000 ? ? ? ? 0.058 ? ? ? ? ? ? ? ? 5.000 ? 2.949 ? ? 0.065 0.029 ? 9  1 0.995 ? ? 
2.610 50.000 ? ? ? ? ? ? 2038 99.600  ? ? ? ? 0.034 ? ? ? ? ? ? ? ? 5.000 ? 1.970 ? ? 0.038 0.017 ? 10 1 0.999 ? ? 
# 
_refine.aniso_B[1][1]                            ? 
_refine.aniso_B[1][2]                            ? 
_refine.aniso_B[1][3]                            ? 
_refine.aniso_B[2][2]                            ? 
_refine.aniso_B[2][3]                            ? 
_refine.aniso_B[3][3]                            ? 
_refine.B_iso_max                                78.310 
_refine.B_iso_mean                               19.2428 
_refine.B_iso_min                                11.010 
_refine.correlation_coeff_Fo_to_Fc               ? 
_refine.correlation_coeff_Fo_to_Fc_free          ? 
_refine.details                                  ? 
_refine.diff_density_max                         ? 
_refine.diff_density_max_esd                     ? 
_refine.diff_density_min                         ? 
_refine.diff_density_min_esd                     ? 
_refine.diff_density_rms                         ? 
_refine.diff_density_rms_esd                     ? 
_refine.entry_id                                 7JJD 
_refine.pdbx_refine_id                           'X-RAY DIFFRACTION' 
_refine.ls_abs_structure_details                 ? 
_refine.ls_abs_structure_Flack                   ? 
_refine.ls_abs_structure_Flack_esd               ? 
_refine.ls_abs_structure_Rogers                  ? 
_refine.ls_abs_structure_Rogers_esd              ? 
_refine.ls_d_res_high                            1.210 
_refine.ls_d_res_low                             50 
_refine.ls_extinction_coef                       ? 
_refine.ls_extinction_coef_esd                   ? 
_refine.ls_extinction_expression                 ? 
_refine.ls_extinction_method                     ? 
_refine.ls_goodness_of_fit_all                   ? 
_refine.ls_goodness_of_fit_all_esd               ? 
_refine.ls_goodness_of_fit_obs                   ? 
_refine.ls_goodness_of_fit_obs_esd               ? 
_refine.ls_hydrogen_treatment                    ? 
_refine.ls_matrix_type                           ? 
_refine.ls_number_constraints                    ? 
_refine.ls_number_parameters                     ? 
_refine.ls_number_reflns_all                     ? 
_refine.ls_number_reflns_obs                     18798 
_refine.ls_number_reflns_R_free                  ? 
_refine.ls_number_reflns_R_work                  ? 
_refine.ls_number_restraints                     ? 
_refine.ls_percent_reflns_obs                    99.2 
_refine.ls_percent_reflns_R_free                 ? 
_refine.ls_R_factor_all                          ? 
_refine.ls_R_factor_obs                          ? 
_refine.ls_R_factor_R_free                       0.239 
_refine.ls_R_factor_R_free_error                 ? 
_refine.ls_R_factor_R_free_error_details         ? 
_refine.ls_R_factor_R_work                       0.173 
_refine.ls_R_Fsqd_factor_obs                     ? 
_refine.ls_R_I_factor_obs                        ? 
_refine.ls_redundancy_reflns_all                 ? 
_refine.ls_redundancy_reflns_obs                 ? 
_refine.ls_restrained_S_all                      ? 
_refine.ls_restrained_S_obs                      ? 
_refine.ls_shift_over_esd_max                    ? 
_refine.ls_shift_over_esd_mean                   ? 
_refine.ls_structure_factor_coef                 ? 
_refine.ls_weighting_details                     ? 
_refine.ls_weighting_scheme                      ? 
_refine.ls_wR_factor_all                         ? 
_refine.ls_wR_factor_obs                         ? 
_refine.ls_wR_factor_R_free                      ? 
_refine.ls_wR_factor_R_work                      ? 
_refine.occupancy_max                            ? 
_refine.occupancy_min                            ? 
_refine.solvent_model_details                    ? 
_refine.solvent_model_param_bsol                 ? 
_refine.solvent_model_param_ksol                 ? 
_refine.pdbx_R_complete                          ? 
_refine.ls_R_factor_gt                           ? 
_refine.ls_goodness_of_fit_gt                    ? 
_refine.ls_goodness_of_fit_ref                   ? 
_refine.ls_shift_over_su_max                     ? 
_refine.ls_shift_over_su_max_lt                  ? 
_refine.ls_shift_over_su_mean                    ? 
_refine.ls_shift_over_su_mean_lt                 ? 
_refine.pdbx_ls_sigma_I                          ? 
_refine.pdbx_ls_sigma_F                          ? 
_refine.pdbx_ls_sigma_Fsqd                       ? 
_refine.pdbx_data_cutoff_high_absF               ? 
_refine.pdbx_data_cutoff_high_rms_absF           ? 
_refine.pdbx_data_cutoff_low_absF                ? 
_refine.pdbx_isotropic_thermal_model             ? 
_refine.pdbx_ls_cross_valid_method               THROUGHOUT 
_refine.pdbx_method_to_determine_struct          'MOLECULAR REPLACEMENT' 
_refine.pdbx_starting_model                      'PDB ID: 3S7C' 
_refine.pdbx_stereochemistry_target_values       ? 
_refine.pdbx_R_Free_selection_details            Random 
_refine.pdbx_stereochem_target_val_spec_case     ? 
_refine.pdbx_overall_ESU_R                       ? 
_refine.pdbx_overall_ESU_R_Free                  ? 
_refine.pdbx_solvent_vdw_probe_radii             ? 
_refine.pdbx_solvent_ion_probe_radii             ? 
_refine.pdbx_solvent_shrinkage_radii             ? 
_refine.pdbx_real_space_R                        ? 
_refine.pdbx_density_correlation                 ? 
_refine.pdbx_pd_number_of_powder_patterns        ? 
_refine.pdbx_pd_number_of_points                 ? 
_refine.pdbx_pd_meas_number_of_points            ? 
_refine.pdbx_pd_proc_ls_prof_R_factor            ? 
_refine.pdbx_pd_proc_ls_prof_wR_factor           ? 
_refine.pdbx_pd_Marquardt_correlation_coeff      ? 
_refine.pdbx_pd_Fsqrd_R_factor                   ? 
_refine.pdbx_pd_ls_matrix_band_width             ? 
_refine.pdbx_overall_phase_error                 ? 
_refine.pdbx_overall_SU_R_free_Cruickshank_DPI   ? 
_refine.pdbx_overall_SU_R_free_Blow_DPI          ? 
_refine.pdbx_overall_SU_R_Blow_DPI               ? 
_refine.pdbx_TLS_residual_ADP_flag               ? 
_refine.pdbx_diffrn_id                           1 
_refine.overall_SU_B                             ? 
_refine.overall_SU_ML                            ? 
_refine.overall_SU_R_Cruickshank_DPI             ? 
_refine.overall_SU_R_free                        ? 
_refine.overall_FOM_free_R_set                   ? 
_refine.overall_FOM_work_R_set                   ? 
_refine.pdbx_average_fsc_overall                 ? 
_refine.pdbx_average_fsc_work                    ? 
_refine.pdbx_average_fsc_free                    ? 
# 
_refine_hist.pdbx_refine_id                   'X-RAY DIFFRACTION' 
_refine_hist.cycle_id                         LAST 
_refine_hist.pdbx_number_atoms_protein        0 
_refine_hist.pdbx_number_atoms_nucleic_acid   581 
_refine_hist.pdbx_number_atoms_ligand         0 
_refine_hist.number_atoms_solvent             113 
_refine_hist.number_atoms_total               694 
_refine_hist.d_res_high                       1.210 
_refine_hist.d_res_low                        50 
# 
_struct.entry_id                     7JJD 
_struct.title                        'Sarcin-ricin loop with guanosine monothiophosphate residue.' 
_struct.pdbx_model_details           ? 
_struct.pdbx_formula_weight          ? 
_struct.pdbx_formula_weight_method   ? 
_struct.pdbx_model_type_details      ? 
_struct.pdbx_CASP_flag               N 
# 
_struct_keywords.entry_id        7JJD 
_struct_keywords.text            'Sarcin-ricin loop, RNA crystal structure, RNA tetraloops, RNA' 
_struct_keywords.pdbx_keywords   RNA 
# 
loop_
_struct_asym.id 
_struct_asym.pdbx_blank_PDB_chainid_flag 
_struct_asym.pdbx_modified 
_struct_asym.entity_id 
_struct_asym.details 
A N N 1 ? 
B N N 2 ? 
# 
loop_
_struct_conn.id 
_struct_conn.conn_type_id 
_struct_conn.pdbx_leaving_atom_flag 
_struct_conn.pdbx_PDB_id 
_struct_conn.ptnr1_label_asym_id 
_struct_conn.ptnr1_label_comp_id 
_struct_conn.ptnr1_label_seq_id 
_struct_conn.ptnr1_label_atom_id 
_struct_conn.pdbx_ptnr1_label_alt_id 
_struct_conn.pdbx_ptnr1_PDB_ins_code 
_struct_conn.pdbx_ptnr1_standard_comp_id 
_struct_conn.ptnr1_symmetry 
_struct_conn.ptnr2_label_asym_id 
_struct_conn.ptnr2_label_comp_id 
_struct_conn.ptnr2_label_seq_id 
_struct_conn.ptnr2_label_atom_id 
_struct_conn.pdbx_ptnr2_label_alt_id 
_struct_conn.pdbx_ptnr2_PDB_ins_code 
_struct_conn.ptnr1_auth_asym_id 
_struct_conn.ptnr1_auth_comp_id 
_struct_conn.ptnr1_auth_seq_id 
_struct_conn.ptnr2_auth_asym_id 
_struct_conn.ptnr2_auth_comp_id 
_struct_conn.ptnr2_auth_seq_id 
_struct_conn.ptnr2_symmetry 
_struct_conn.pdbx_ptnr3_label_atom_id 
_struct_conn.pdbx_ptnr3_label_seq_id 
_struct_conn.pdbx_ptnr3_label_comp_id 
_struct_conn.pdbx_ptnr3_label_asym_id 
_struct_conn.pdbx_ptnr3_label_alt_id 
_struct_conn.pdbx_ptnr3_PDB_ins_code 
_struct_conn.details 
_struct_conn.pdbx_dist_value 
_struct_conn.pdbx_value_order 
_struct_conn.pdbx_role 
covale1  covale both ? A A   14 "O3'" ? ? ? 1_555 A G46 15 P  A ? A A   2660 A G46 2661 1_555 ? ? ? ? ? ? ?                    
1.608 ? ? 
covale2  covale both ? A A   14 "O3'" ? ? ? 1_555 A G46 15 P  B ? A A   2660 A G46 2661 1_555 ? ? ? ? ? ? ?                    
1.601 ? ? 
covale3  covale one  ? A G46 15 "O3'" ? ? ? 1_555 A A   16 P  ? ? A G46 2661 A A   2662 1_555 ? ? ? ? ? ? ?                    
1.603 ? ? 
hydrog1  hydrog ?    ? A G   2  N1    A ? ? 1_555 A U   26 O2 ? ? A G   2648 A U   2672 1_555 ? ? ? ? ? ? TYPE_28_PAIR         ? ? 
? 
hydrog2  hydrog ?    ? A G   2  N1    B ? ? 1_555 A U   26 O2 ? ? A G   2648 A U   2672 1_555 ? ? ? ? ? ? TYPE_28_PAIR         ? ? 
? 
hydrog3  hydrog ?    ? A G   2  O6    A ? ? 1_555 A U   26 N3 ? ? A G   2648 A U   2672 1_555 ? ? ? ? ? ? TYPE_28_PAIR         ? ? 
? 
hydrog4  hydrog ?    ? A G   2  O6    B ? ? 1_555 A U   26 N3 ? ? A G   2648 A U   2672 1_555 ? ? ? ? ? ? TYPE_28_PAIR         ? ? 
? 
hydrog5  hydrog ?    ? A C   3  N3    A ? ? 1_555 A G   25 N1 ? ? A C   2649 A G   2671 1_555 ? ? ? ? ? ? WATSON-CRICK         ? ? 
? 
hydrog6  hydrog ?    ? A C   3  N3    B ? ? 1_555 A G   25 N1 ? ? A C   2649 A G   2671 1_555 ? ? ? ? ? ? WATSON-CRICK         ? ? 
? 
hydrog7  hydrog ?    ? A C   3  N4    A ? ? 1_555 A G   25 O6 ? ? A C   2649 A G   2671 1_555 ? ? ? ? ? ? WATSON-CRICK         ? ? 
? 
hydrog8  hydrog ?    ? A C   3  N4    B ? ? 1_555 A G   25 O6 ? ? A C   2649 A G   2671 1_555 ? ? ? ? ? ? WATSON-CRICK         ? ? 
? 
hydrog9  hydrog ?    ? A C   3  O2    A ? ? 1_555 A G   25 N2 ? ? A C   2649 A G   2671 1_555 ? ? ? ? ? ? WATSON-CRICK         ? ? 
? 
hydrog10 hydrog ?    ? A C   3  O2    B ? ? 1_555 A G   25 N2 ? ? A C   2649 A G   2671 1_555 ? ? ? ? ? ? WATSON-CRICK         ? ? 
? 
hydrog11 hydrog ?    ? A U   4  N3    ? ? ? 1_555 A A   24 N1 ? ? A U   2650 A A   2670 1_555 ? ? ? ? ? ? WATSON-CRICK         ? ? 
? 
hydrog12 hydrog ?    ? A U   4  O4    ? ? ? 1_555 A A   24 N6 ? ? A U   2650 A A   2670 1_555 ? ? ? ? ? ? WATSON-CRICK         ? ? 
? 
hydrog13 hydrog ?    ? A C   5  N3    ? ? ? 1_555 A G   23 N1 ? ? A C   2651 A G   2669 1_555 ? ? ? ? ? ? WATSON-CRICK         ? ? 
? 
hydrog14 hydrog ?    ? A C   5  N4    ? ? ? 1_555 A G   23 O6 ? ? A C   2651 A G   2669 1_555 ? ? ? ? ? ? WATSON-CRICK         ? ? 
? 
hydrog15 hydrog ?    ? A C   5  O2    ? ? ? 1_555 A G   23 N2 ? ? A C   2651 A G   2669 1_555 ? ? ? ? ? ? WATSON-CRICK         ? ? 
? 
hydrog16 hydrog ?    ? A C   6  N3    ? ? ? 1_555 A G   22 N1 ? ? A C   2652 A G   2668 1_555 ? ? ? ? ? ? WATSON-CRICK         ? ? 
? 
hydrog17 hydrog ?    ? A C   6  N4    ? ? ? 1_555 A G   22 O6 ? ? A C   2652 A G   2668 1_555 ? ? ? ? ? ? WATSON-CRICK         ? ? 
? 
hydrog18 hydrog ?    ? A C   6  O2    ? ? ? 1_555 A G   22 N2 ? ? A C   2652 A G   2668 1_555 ? ? ? ? ? ? WATSON-CRICK         ? ? 
? 
hydrog19 hydrog ?    ? A U   7  O2    ? ? ? 1_555 A C   21 N4 ? ? A U   2653 A C   2667 1_555 ? ? ? ? ? ? 'U-C MISPAIR'        ? ? 
? 
hydrog20 hydrog ?    ? A U   10 N3    ? ? ? 1_555 A A   19 N7 ? ? A U   2656 A A   2665 1_555 ? ? ? ? ? ? 'REVERSED HOOGSTEEN' ? ? 
? 
hydrog21 hydrog ?    ? A U   10 O2    ? ? ? 1_555 A A   19 N6 ? ? A U   2656 A A   2665 1_555 ? ? ? ? ? ? 'REVERSED HOOGSTEEN' ? ? 
? 
hydrog22 hydrog ?    ? A A   11 N6    ? ? ? 1_555 A G   18 N3 ? ? A A   2657 A G   2664 1_555 ? ? ? ? ? ? TYPE_11_PAIR         ? ? 
? 
hydrog23 hydrog ?    ? A A   11 N7    ? ? ? 1_555 A G   18 N2 ? ? A A   2657 A G   2664 1_555 ? ? ? ? ? ? TYPE_11_PAIR         ? ? 
? 
hydrog24 hydrog ?    ? A C   12 N3    ? ? ? 1_555 A G   17 N1 ? ? A C   2658 A G   2663 1_555 ? ? ? ? ? ? WATSON-CRICK         ? ? 
? 
hydrog25 hydrog ?    ? A C   12 N4    ? ? ? 1_555 A G   17 O6 ? ? A C   2658 A G   2663 1_555 ? ? ? ? ? ? WATSON-CRICK         ? ? 
? 
hydrog26 hydrog ?    ? A C   12 O2    ? ? ? 1_555 A G   17 N2 ? ? A C   2658 A G   2663 1_555 ? ? ? ? ? ? WATSON-CRICK         ? ? 
? 
hydrog27 hydrog ?    ? A G   13 N2    ? ? ? 1_555 A A   16 N7 ? ? A G   2659 A A   2662 1_555 ? ? ? ? ? ? 'G-A MISPAIR'        ? ? 
? 
# 
loop_
_struct_conn_type.id 
_struct_conn_type.criteria 
_struct_conn_type.reference 
covale ? ? 
hydrog ? ? 
# 
_atom_sites.entry_id                    7JJD 
_atom_sites.Cartn_transf_matrix[1][1]   ? 
_atom_sites.Cartn_transf_matrix[1][2]   ? 
_atom_sites.Cartn_transf_matrix[1][3]   ? 
_atom_sites.Cartn_transf_matrix[2][1]   ? 
_atom_sites.Cartn_transf_matrix[2][2]   ? 
_atom_sites.Cartn_transf_matrix[2][3]   ? 
_atom_sites.Cartn_transf_matrix[3][1]   ? 
_atom_sites.Cartn_transf_matrix[3][2]   ? 
_atom_sites.Cartn_transf_matrix[3][3]   ? 
_atom_sites.Cartn_transf_vector[1]      ? 
_atom_sites.Cartn_transf_vector[2]      ? 
_atom_sites.Cartn_transf_vector[3]      ? 
_atom_sites.fract_transf_matrix[1][1]   0.00105779 
_atom_sites.fract_transf_matrix[1][2]   0.03086009 
_atom_sites.fract_transf_matrix[1][3]   -0.01359618 
_atom_sites.fract_transf_matrix[2][1]   -0.02343185 
_atom_sites.fract_transf_matrix[2][2]   -0.00911002 
_atom_sites.fract_transf_matrix[2][3]   -0.02250058 
_atom_sites.fract_transf_matrix[3][1]   -0.00937683 
_atom_sites.fract_transf_matrix[3][2]   0.00392368 
_atom_sites.fract_transf_matrix[3][3]   0.00817630 
_atom_sites.fract_transf_vector[1]      0.167877 
_atom_sites.fract_transf_vector[2]      0.137583 
_atom_sites.fract_transf_vector[3]      0.002698 
_atom_sites.solution_primary            ? 
_atom_sites.solution_secondary          ? 
_atom_sites.solution_hydrogens          ? 
_atom_sites.special_details             ? 
# 
loop_
_atom_type.symbol 
C 
N 
O 
P 
S 
# 
loop_
_atom_site.group_PDB 
_atom_site.id 
_atom_site.type_symbol 
_atom_site.label_atom_id 
_atom_site.label_alt_id 
_atom_site.label_comp_id 
_atom_site.label_asym_id 
_atom_site.label_entity_id 
_atom_site.label_seq_id 
_atom_site.pdbx_PDB_ins_code 
_atom_site.Cartn_x 
_atom_site.Cartn_y 
_atom_site.Cartn_z 
_atom_site.occupancy 
_atom_site.B_iso_or_equiv 
_atom_site.pdbx_formal_charge 
_atom_site.auth_seq_id 
_atom_site.auth_comp_id 
_atom_site.auth_asym_id 
_atom_site.auth_atom_id 
_atom_site.pdbx_PDB_model_num 
ATOM   1   O "O5'" . U   A 1 1  ? 17.043  5.174   6.873   1.00 40.69 ? 2647 U   A "O5'" 1 
ATOM   2   C "C5'" . U   A 1 1  ? 16.225  6.164   7.495   1.00 38.80 ? 2647 U   A "C5'" 1 
ATOM   3   C "C4'" . U   A 1 1  ? 15.113  6.645   6.595   1.00 35.43 ? 2647 U   A "C4'" 1 
ATOM   4   O "O4'" . U   A 1 1  ? 15.409  8.023   6.164   1.00 34.18 ? 2647 U   A "O4'" 1 
ATOM   5   C "C3'" . U   A 1 1  ? 14.855  5.891   5.294   1.00 31.23 ? 2647 U   A "C3'" 1 
ATOM   6   O "O3'" . U   A 1 1  ? 13.489  5.977   4.937   1.00 32.03 ? 2647 U   A "O3'" 1 
ATOM   7   C "C2'" . U   A 1 1  ? 15.707  6.590   4.290   1.00 26.43 ? 2647 U   A "C2'" 1 
ATOM   8   O "O2'" . U   A 1 1  ? 15.316  6.508   2.926   1.00 23.60 ? 2647 U   A "O2'" 1 
ATOM   9   C "C1'" . U   A 1 1  ? 15.526  8.036   4.769   1.00 26.90 ? 2647 U   A "C1'" 1 
ATOM   10  N N1    . U   A 1 1  ? 16.697  8.790   4.337   1.00 23.14 ? 2647 U   A N1    1 
ATOM   11  C C2    . U   A 1 1  ? 16.542  9.616   3.248   1.00 24.08 ? 2647 U   A C2    1 
ATOM   12  O O2    . U   A 1 1  ? 15.451  9.703   2.681   1.00 25.81 ? 2647 U   A O2    1 
ATOM   13  N N3    . U   A 1 1  ? 17.685  10.288  2.904   1.00 25.79 ? 2647 U   A N3    1 
ATOM   14  C C4    . U   A 1 1  ? 18.907  10.180  3.549   1.00 23.46 ? 2647 U   A C4    1 
ATOM   15  O O4    . U   A 1 1  ? 19.842  10.848  3.121   1.00 27.22 ? 2647 U   A O4    1 
ATOM   16  C C5    . U   A 1 1  ? 18.988  9.290   4.682   1.00 22.58 ? 2647 U   A C5    1 
ATOM   17  C C6    . U   A 1 1  ? 17.872  8.617   5.043   1.00 22.83 ? 2647 U   A C6    1 
ATOM   18  P P     A G   A 1 2  ? 12.620  4.693   4.511   0.50 25.07 ? 2648 G   A P     1 
ATOM   19  P P     B G   A 1 2  ? 12.445  4.759   5.023   0.41 26.10 ? 2648 G   A P     1 
ATOM   20  O OP1   A G   A 1 2  ? 13.485  3.489   4.499   0.50 21.13 ? 2648 G   A OP1   1 
ATOM   21  O OP1   B G   A 1 2  ? 13.196  3.539   5.402   0.41 28.84 ? 2648 G   A OP1   1 
ATOM   22  O OP2   A G   A 1 2  ? 11.787  5.061   3.342   0.59 27.77 ? 2648 G   A OP2   1 
ATOM   23  O OP2   B G   A 1 2  ? 11.673  4.745   3.744   0.41 28.28 ? 2648 G   A OP2   1 
ATOM   24  O "O5'" A G   A 1 2  ? 11.635  4.545   5.766   0.50 22.94 ? 2648 G   A "O5'" 1 
ATOM   25  O "O5'" B G   A 1 2  ? 11.436  5.149   6.190   0.41 25.23 ? 2648 G   A "O5'" 1 
ATOM   26  C "C5'" A G   A 1 2  ? 12.158  4.253   7.070   0.59 23.94 ? 2648 G   A "C5'" 1 
ATOM   27  C "C5'" B G   A 1 2  ? 11.133  4.388   7.355   0.41 24.97 ? 2648 G   A "C5'" 1 
ATOM   28  C "C4'" A G   A 1 2  ? 11.294  4.871   8.132   0.59 21.35 ? 2648 G   A "C4'" 1 
ATOM   29  C "C4'" B G   A 1 2  ? 10.901  5.227   8.593   0.41 22.58 ? 2648 G   A "C4'" 1 
ATOM   30  O "O4'" A G   A 1 2  ? 11.556  6.290   8.299   0.59 23.92 ? 2648 G   A "O4'" 1 
ATOM   31  O "O4'" B G   A 1 2  ? 11.215  6.626   8.350   0.41 23.21 ? 2648 G   A "O4'" 1 
ATOM   32  C "C3'" A G   A 1 2  ? 9.802   4.815   7.828   0.59 20.76 ? 2648 G   A "C3'" 1 
ATOM   33  C "C3'" B G   A 1 2  ? 9.467   5.263   9.100   0.41 21.56 ? 2648 G   A "C3'" 1 
ATOM   34  O "O3'" A G   A 1 2  ? 9.234   3.543   8.103   0.59 20.30 ? 2648 G   A "O3'" 1 
ATOM   35  O "O3'" B G   A 1 2  ? 9.192   4.223   10.042  0.41 18.94 ? 2648 G   A "O3'" 1 
ATOM   36  C "C2'" A G   A 1 2  ? 9.270   5.898   8.741   0.59 21.52 ? 2648 G   A "C2'" 1 
ATOM   37  C "C2'" B G   A 1 2  ? 9.311   6.606   9.772   0.41 22.14 ? 2648 G   A "C2'" 1 
ATOM   38  O "O2'" A G   A 1 2  ? 9.344   5.450   10.090  0.59 21.45 ? 2648 G   A "O2'" 1 
ATOM   39  O "O2'" B G   A 1 2  ? 9.646   6.516   11.143  0.41 18.00 ? 2648 G   A "O2'" 1 
ATOM   40  C "C1'" A G   A 1 2  ? 10.336  6.985   8.540   0.59 22.64 ? 2648 G   A "C1'" 1 
ATOM   41  C "C1'" B G   A 1 2  ? 10.303  7.485   9.044   0.41 21.70 ? 2648 G   A "C1'" 1 
ATOM   42  N N9    A G   A 1 2  ? 9.963   7.888   7.437   0.59 19.84 ? 2648 G   A N9    1 
ATOM   43  N N9    B G   A 1 2  ? 9.691   8.371   8.042   0.41 19.18 ? 2648 G   A N9    1 
ATOM   44  C C8    A G   A 1 2  ? 10.391  7.921   6.135   0.59 19.20 ? 2648 G   A C8    1 
ATOM   45  C C8    B G   A 1 2  ? 9.968   8.409   6.697   0.41 17.71 ? 2648 G   A C8    1 
ATOM   46  N N7    A G   A 1 2  ? 9.833   8.880   5.427   0.59 17.46 ? 2648 G   A N7    1 
ATOM   47  N N7    B G   A 1 2  ? 9.275   9.296   6.036   0.41 16.37 ? 2648 G   A N7    1 
ATOM   48  C C5    A G   A 1 2  ? 8.991   9.513   6.314   0.59 16.75 ? 2648 G   A C5    1 
ATOM   49  C C5    B G   A 1 2  ? 8.486   9.884   7.023   0.41 16.64 ? 2648 G   A C5    1 
ATOM   50  C C6    A G   A 1 2  ? 8.120   10.619  6.149   0.59 14.68 ? 2648 G   A C6    1 
ATOM   51  C C6    B G   A 1 2  ? 7.524   10.921  6.910   0.41 14.82 ? 2648 G   A C6    1 
ATOM   52  O O6    A G   A 1 2  ? 7.897   11.299  5.155   0.59 19.67 ? 2648 G   A O6    1 
ATOM   53  O O6    B G   A 1 2  ? 7.191   11.521  5.888   0.41 15.92 ? 2648 G   A O6    1 
ATOM   54  N N1    A G   A 1 2  ? 7.445   10.933  7.322   0.59 16.74 ? 2648 G   A N1    1 
ATOM   55  N N1    B G   A 1 2  ? 6.931   11.246  8.136   0.41 14.43 ? 2648 G   A N1    1 
ATOM   56  C C2    A G   A 1 2  ? 7.586   10.269  8.517   0.59 18.71 ? 2648 G   A C2    1 
ATOM   57  C C2    B G   A 1 2  ? 7.259   10.615  9.314   0.41 16.55 ? 2648 G   A C2    1 
ATOM   58  N N2    A G   A 1 2  ? 6.845   10.729  9.531   0.59 18.32 ? 2648 G   A N2    1 
ATOM   59  N N2    B G   A 1 2  ? 6.600   11.043  10.398  0.41 17.94 ? 2648 G   A N2    1 
ATOM   60  N N3    A G   A 1 2  ? 8.394   9.236   8.689   0.59 18.66 ? 2648 G   A N3    1 
ATOM   61  N N3    B G   A 1 2  ? 8.152   9.648   9.437   0.41 16.88 ? 2648 G   A N3    1 
ATOM   62  C C4    A G   A 1 2  ? 9.054   8.920   7.560   0.59 17.70 ? 2648 G   A C4    1 
ATOM   63  C C4    B G   A 1 2  ? 8.731   9.327   8.260   0.41 17.12 ? 2648 G   A C4    1 
ATOM   64  P P     A C   A 1 3  ? 7.911   3.027   7.341   0.59 20.46 ? 2649 C   A P     1 
ATOM   65  P P     B C   A 1 3  ? 7.798   3.431   9.910   0.41 17.82 ? 2649 C   A P     1 
ATOM   66  O OP1   A C   A 1 3  ? 7.692   1.610   7.752   0.59 26.58 ? 2649 C   A OP1   1 
ATOM   67  O OP1   B C   A 1 3  ? 7.817   2.331   10.924  0.41 17.85 ? 2649 C   A OP1   1 
ATOM   68  O OP2   A C   A 1 3  ? 8.051   3.306   5.906   0.59 25.93 ? 2649 C   A OP2   1 
ATOM   69  O OP2   B C   A 1 3  ? 7.601   3.084   8.479   0.41 20.47 ? 2649 C   A OP2   1 
ATOM   70  O "O5'" A C   A 1 3  ? 6.740   3.931   7.938   0.59 16.96 ? 2649 C   A "O5'" 1 
ATOM   71  O "O5'" B C   A 1 3  ? 6.663   4.477   10.300  0.41 15.76 ? 2649 C   A "O5'" 1 
ATOM   72  C "C5'" A C   A 1 3  ? 6.521   3.998   9.354   0.59 16.15 ? 2649 C   A "C5'" 1 
ATOM   73  C "C5'" B C   A 1 3  ? 6.464   5.001   11.618  0.41 17.49 ? 2649 C   A "C5'" 1 
ATOM   74  C "C4'" A C   A 1 3  ? 5.583   5.128   9.705   0.59 17.67 ? 2649 C   A "C4'" 1 
ATOM   75  C "C4'" B C   A 1 3  ? 5.329   5.995   11.638  0.41 16.61 ? 2649 C   A "C4'" 1 
ATOM   76  O "O4'" A C   A 1 3  ? 6.221   6.385   9.359   0.59 17.93 ? 2649 C   A "O4'" 1 
ATOM   77  O "O4'" B C   A 1 3  ? 5.710   7.206   10.967  0.41 15.98 ? 2649 C   A "O4'" 1 
ATOM   78  C "C3'" A C   A 1 3  ? 4.256   5.192   8.969   0.59 15.36 ? 2649 C   A "C3'" 1 
ATOM   79  C "C3'" B C   A 1 3  ? 4.073   5.581   10.886  0.41 16.31 ? 2649 C   A "C3'" 1 
ATOM   80  O "O3'" A C   A 1 3  ? 3.279   4.355   9.559   0.59 17.32 ? 2649 C   A "O3'" 1 
ATOM   81  O "O3'" B C   A 1 3  ? 3.252   4.731   11.683  0.41 14.94 ? 2649 C   A "O3'" 1 
ATOM   82  C "C2'" A C   A 1 3  ? 3.898   6.668   9.071   0.59 16.14 ? 2649 C   A "C2'" 1 
ATOM   83  C "C2'" B C   A 1 3  ? 3.403   6.895   10.572  0.41 16.27 ? 2649 C   A "C2'" 1 
ATOM   84  O "O2'" A C   A 1 3  ? 3.483   6.996   10.384  0.59 17.39 ? 2649 C   A "O2'" 1 
ATOM   85  O "O2'" B C   A 1 3  ? 2.685   7.397   11.692  0.41 18.03 ? 2649 C   A "O2'" 1 
ATOM   86  C "C1'" A C   A 1 3  ? 5.261   7.310   8.832   0.59 15.05 ? 2649 C   A "C1'" 1 
ATOM   87  C "C1'" B C   A 1 3  ? 4.593   7.786   10.280  0.41 16.43 ? 2649 C   A "C1'" 1 
ATOM   88  N N1    A C   A 1 3  ? 5.589   7.597   7.418   0.59 13.54 ? 2649 C   A N1    1 
ATOM   89  N N1    B C   A 1 3  ? 5.004   7.880   8.877   0.41 14.86 ? 2649 C   A N1    1 
ATOM   90  C C2    A C   A 1 3  ? 5.015   8.763   6.894   0.59 15.01 ? 2649 C   A C2    1 
ATOM   91  C C2    B C   A 1 3  ? 4.399   8.842   8.056   0.41 13.68 ? 2649 C   A C2    1 
ATOM   92  O O2    A C   A 1 3  ? 4.298   9.436   7.627   0.59 15.62 ? 2649 C   A O2    1 
ATOM   93  O O2    B C   A 1 3  ? 3.537   9.573   8.560   0.41 19.50 ? 2649 C   A O2    1 
ATOM   94  N N3    A C   A 1 3  ? 5.260   9.101   5.612   0.59 15.58 ? 2649 C   A N3    1 
ATOM   95  N N3    B C   A 1 3  ? 4.772   8.937   6.761   0.41 16.86 ? 2649 C   A N3    1 
ATOM   96  C C4    A C   A 1 3  ? 6.045   8.334   4.863   0.59 15.29 ? 2649 C   A C4    1 
ATOM   97  C C4    B C   A 1 3  ? 5.716   8.105   6.294   0.41 16.67 ? 2649 C   A C4    1 
ATOM   98  N N4    A C   A 1 3  ? 6.258   8.713   3.600   0.59 17.74 ? 2649 C   A N4    1 
ATOM   99  N N4    B C   A 1 3  ? 6.060   8.224   5.012   0.41 19.65 ? 2649 C   A N4    1 
ATOM   100 C C5    A C   A 1 3  ? 6.645   7.145   5.366   0.59 15.64 ? 2649 C   A C5    1 
ATOM   101 C C5    B C   A 1 3  ? 6.347   7.119   7.100   0.41 15.05 ? 2649 C   A C5    1 
ATOM   102 C C6    A C   A 1 3  ? 6.388   6.817   6.645   0.59 14.54 ? 2649 C   A C6    1 
ATOM   103 C C6    B C   A 1 3  ? 5.963   7.042   8.383   0.41 13.40 ? 2649 C   A C6    1 
ATOM   104 P P     A U   A 1 4  ? 2.126   3.617   8.718   0.59 18.38 ? 2650 U   A P     1 
ATOM   105 P P     B U   A 1 4  ? 2.144   3.853   10.858  0.41 14.77 ? 2650 U   A P     1 
ATOM   106 O OP1   A U   A 1 4  ? 1.463   2.639   9.648   0.59 22.24 ? 2650 U   A OP1   1 
ATOM   107 O OP1   B U   A 1 4  ? 1.502   2.981   11.892  0.41 16.91 ? 2650 U   A OP1   1 
ATOM   108 O OP2   A U   A 1 4  ? 2.716   3.307   7.385   0.59 19.88 ? 2650 U   A OP2   1 
ATOM   109 O OP2   B U   A 1 4  ? 2.819   3.331   9.656   0.41 17.73 ? 2650 U   A OP2   1 
ATOM   110 O "O5'" A U   A 1 4  ? 1.045   4.755   8.437   0.59 16.36 ? 2650 U   A "O5'" 1 
ATOM   111 O "O5'" B U   A 1 4  ? 1.107   4.984   10.437  0.41 16.56 ? 2650 U   A "O5'" 1 
ATOM   112 C "C5'" A U   A 1 4  ? 0.210   5.247   9.496   0.59 16.88 ? 2650 U   A "C5'" 1 
ATOM   113 C "C5'" B U   A 1 4  ? 0.401   5.065   9.205   0.41 17.06 ? 2650 U   A "C5'" 1 
ATOM   114 C "C4'" A U   A 1 4  ? -0.373  6.531   8.953   0.59 18.06 ? 2650 U   A "C4'" 1 
ATOM   115 C "C4'" B U   A 1 4  ? -0.242  6.390   8.926   0.41 17.93 ? 2650 U   A "C4'" 1 
ATOM   116 O "O4'" . U   A 1 4  ? 0.633   7.432   8.494   1.00 17.46 ? 2650 U   A "O4'" 1 
ATOM   117 C "C3'" . U   A 1 4  ? -1.219  6.308   7.725   1.00 16.97 ? 2650 U   A "C3'" 1 
ATOM   118 O "O3'" . U   A 1 4  ? -2.433  5.690   8.109   1.00 20.34 ? 2650 U   A "O3'" 1 
ATOM   119 C "C2'" . U   A 1 4  ? -1.379  7.724   7.247   1.00 18.58 ? 2650 U   A "C2'" 1 
ATOM   120 O "O2'" . U   A 1 4  ? -2.123  8.537   8.153   1.00 18.99 ? 2650 U   A "O2'" 1 
ATOM   121 C "C1'" . U   A 1 4  ? 0.058   8.187   7.403   1.00 18.23 ? 2650 U   A "C1'" 1 
ATOM   122 N N1    . U   A 1 4  ? 1.008   7.985   6.281   1.00 17.49 ? 2650 U   A N1    1 
ATOM   123 C C2    . U   A 1 4  ? 0.864   8.899   5.254   1.00 16.80 ? 2650 U   A C2    1 
ATOM   124 O O2    . U   A 1 4  ? -0.008  9.758   5.363   1.00 17.55 ? 2650 U   A O2    1 
ATOM   125 N N3    . U   A 1 4  ? 1.721   8.754   4.211   1.00 15.16 ? 2650 U   A N3    1 
ATOM   126 C C4    . U   A 1 4  ? 2.700   7.783   4.097   1.00 15.44 ? 2650 U   A C4    1 
ATOM   127 O O4    . U   A 1 4  ? 3.397   7.780   3.086   1.00 17.12 ? 2650 U   A O4    1 
ATOM   128 C C5    . U   A 1 4  ? 2.822   6.837   5.198   1.00 15.34 ? 2650 U   A C5    1 
ATOM   129 C C6    . U   A 1 4  ? 1.971   6.992   6.233   1.00 15.45 ? 2650 U   A C6    1 
ATOM   130 P P     . C   A 1 5  ? -3.208  4.725   7.068   1.00 20.32 ? 2651 C   A P     1 
ATOM   131 O OP1   . C   A 1 5  ? -4.365  4.163   7.772   1.00 24.86 ? 2651 C   A OP1   1 
ATOM   132 O OP2   . C   A 1 5  ? -2.149  3.855   6.466   1.00 23.78 ? 2651 C   A OP2   1 
ATOM   133 O "O5'" . C   A 1 5  ? -3.692  5.714   5.915   1.00 16.65 ? 2651 C   A "O5'" 1 
ATOM   134 C "C5'" . C   A 1 5  ? -4.679  6.720   6.156   1.00 14.19 ? 2651 C   A "C5'" 1 
ATOM   135 C "C4'" . C   A 1 5  ? -4.694  7.661   4.981   1.00 15.85 ? 2651 C   A "C4'" 1 
ATOM   136 O "O4'" . C   A 1 5  ? -3.372  8.217   4.826   1.00 13.98 ? 2651 C   A "O4'" 1 
ATOM   137 C "C3'" . C   A 1 5  ? -4.980  7.064   3.612   1.00 15.12 ? 2651 C   A "C3'" 1 
ATOM   138 O "O3'" . C   A 1 5  ? -6.377  6.856   3.438   1.00 15.92 ? 2651 C   A "O3'" 1 
ATOM   139 C "C2'" . C   A 1 5  ? -4.368  8.101   2.685   1.00 14.61 ? 2651 C   A "C2'" 1 
ATOM   140 O "O2'" . C   A 1 5  ? -5.204  9.223   2.542   1.00 16.63 ? 2651 C   A "O2'" 1 
ATOM   141 C "C1'" . C   A 1 5  ? -3.122  8.499   3.464   1.00 15.39 ? 2651 C   A "C1'" 1 
ATOM   142 N N1    . C   A 1 5  ? -1.917  7.752   3.034   1.00 15.11 ? 2651 C   A N1    1 
ATOM   143 C C2    . C   A 1 5  ? -1.350  8.186   1.822   1.00 15.41 ? 2651 C   A C2    1 
ATOM   144 O O2    . C   A 1 5  ? -1.896  9.145   1.241   1.00 15.58 ? 2651 C   A O2    1 
ATOM   145 N N3    . C   A 1 5  ? -0.248  7.583   1.321   1.00 14.48 ? 2651 C   A N3    1 
ATOM   146 C C4    . C   A 1 5  ? 0.279   6.561   2.001   1.00 14.85 ? 2651 C   A C4    1 
ATOM   147 N N4    . C   A 1 5  ? 1.359   5.985   1.492   1.00 15.16 ? 2651 C   A N4    1 
ATOM   148 C C5    . C   A 1 5  ? -0.287  6.106   3.227   1.00 14.50 ? 2651 C   A C5    1 
ATOM   149 C C6    . C   A 1 5  ? -1.379  6.713   3.717   1.00 13.94 ? 2651 C   A C6    1 
ATOM   150 P P     . C   A 1 6  ? -6.847  5.737   2.356   1.00 15.94 ? 2652 C   A P     1 
ATOM   151 O OP1   . C   A 1 6  ? -8.317  5.670   2.525   1.00 16.03 ? 2652 C   A OP1   1 
ATOM   152 O OP2   . C   A 1 6  ? -6.016  4.549   2.570   1.00 18.29 ? 2652 C   A OP2   1 
ATOM   153 O "O5'" . C   A 1 6  ? -6.436  6.406   0.978   1.00 15.18 ? 2652 C   A "O5'" 1 
ATOM   154 C "C5'" . C   A 1 6  ? -7.248  7.459   0.440   1.00 14.23 ? 2652 C   A "C5'" 1 
ATOM   155 C "C4'" . C   A 1 6  ? -6.676  7.881   -0.881  1.00 14.26 ? 2652 C   A "C4'" 1 
ATOM   156 O "O4'" . C   A 1 6  ? -5.275  8.204   -0.779  1.00 13.03 ? 2652 C   A "O4'" 1 
ATOM   157 C "C3'" . C   A 1 6  ? -6.732  6.782   -1.940  1.00 13.53 ? 2652 C   A "C3'" 1 
ATOM   158 O "O3'" . C   A 1 6  ? -8.048  6.621   -2.469  1.00 13.28 ? 2652 C   A "O3'" 1 
ATOM   159 C "C2'" . C   A 1 6  ? -5.743  7.268   -2.964  1.00 12.35 ? 2652 C   A "C2'" 1 
ATOM   160 O "O2'" . C   A 1 6  ? -6.325  8.326   -3.742  1.00 14.59 ? 2652 C   A "O2'" 1 
ATOM   161 C "C1'" . C   A 1 6  ? -4.669  7.845   -2.066  1.00 12.66 ? 2652 C   A "C1'" 1 
ATOM   162 N N1    . C   A 1 6  ? -3.538  6.964   -1.730  1.00 11.01 ? 2652 C   A N1    1 
ATOM   163 C C2    . C   A 1 6  ? -2.536  6.848   -2.708  1.00 12.02 ? 2652 C   A C2    1 
ATOM   164 O O2    . C   A 1 6  ? -2.685  7.489   -3.774  1.00 12.63 ? 2652 C   A O2    1 
ATOM   165 N N3    . C   A 1 6  ? -1.466  6.057   -2.448  1.00 13.48 ? 2652 C   A N3    1 
ATOM   166 C C4    . C   A 1 6  ? -1.370  5.406   -1.287  1.00 11.56 ? 2652 C   A C4    1 
ATOM   167 N N4    . C   A 1 6  ? -0.309  4.633   -1.059  1.00 14.06 ? 2652 C   A N4    1 
ATOM   168 C C5    . C   A 1 6  ? -2.386  5.516   -0.279  1.00 13.06 ? 2652 C   A C5    1 
ATOM   169 C C6    . C   A 1 6  ? -3.443  6.308   -0.557  1.00 11.91 ? 2652 C   A C6    1 
ATOM   170 P P     . U   A 1 7  ? -8.525  5.192   -2.987  1.00 13.66 ? 2653 U   A P     1 
ATOM   171 O OP1   . U   A 1 7  ? -9.873  5.421   -3.594  1.00 16.16 ? 2653 U   A OP1   1 
ATOM   172 O OP2   . U   A 1 7  ? -8.362  4.220   -1.864  1.00 13.80 ? 2653 U   A OP2   1 
ATOM   173 O "O5'" . U   A 1 7  ? -7.486  4.760   -4.108  1.00 13.35 ? 2653 U   A "O5'" 1 
ATOM   174 C "C5'" . U   A 1 7  ? -7.461  5.445   -5.376  1.00 12.89 ? 2653 U   A "C5'" 1 
ATOM   175 C "C4'" . U   A 1 7  ? -6.241  4.944   -6.136  1.00 12.55 ? 2653 U   A "C4'" 1 
ATOM   176 O "O4'" . U   A 1 7  ? -5.036  5.207   -5.396  1.00 12.01 ? 2653 U   A "O4'" 1 
ATOM   177 C "C3'" . U   A 1 7  ? -6.148  3.442   -6.384  1.00 11.57 ? 2653 U   A "C3'" 1 
ATOM   178 O "O3'" . U   A 1 7  ? -7.006  3.074   -7.458  1.00 13.47 ? 2653 U   A "O3'" 1 
ATOM   179 C "C2'" . U   A 1 7  ? -4.672  3.252   -6.658  1.00 13.08 ? 2653 U   A "C2'" 1 
ATOM   180 O "O2'" . U   A 1 7  ? -4.362  3.662   -7.977  1.00 13.18 ? 2653 U   A "O2'" 1 
ATOM   181 C "C1'" . U   A 1 7  ? -4.053  4.238   -5.684  1.00 12.68 ? 2653 U   A "C1'" 1 
ATOM   182 N N1    . U   A 1 7  ? -3.658  3.632   -4.395  1.00 12.47 ? 2653 U   A N1    1 
ATOM   183 C C2    . U   A 1 7  ? -2.352  3.203   -4.272  1.00 12.71 ? 2653 U   A C2    1 
ATOM   184 O O2    . U   A 1 7  ? -1.562  3.326   -5.209  1.00 13.38 ? 2653 U   A O2    1 
ATOM   185 N N3    . U   A 1 7  ? -2.019  2.647   -3.062  1.00 13.14 ? 2653 U   A N3    1 
ATOM   186 C C4    . U   A 1 7  ? -2.856  2.483   -1.997  1.00 13.36 ? 2653 U   A C4    1 
ATOM   187 O O4    . U   A 1 7  ? -2.400  1.962   -0.978  1.00 15.13 ? 2653 U   A O4    1 
ATOM   188 C C5    . U   A 1 7  ? -4.219  2.949   -2.170  1.00 14.12 ? 2653 U   A C5    1 
ATOM   189 C C6    . U   A 1 7  ? -4.549  3.498   -3.356  1.00 12.80 ? 2653 U   A C6    1 
ATOM   190 P P     . A   A 1 8  ? -7.622  1.580   -7.523  1.00 16.03 ? 2654 A   A P     1 
ATOM   191 O OP1   . A   A 1 8  ? -6.492  0.608   -7.491  1.00 17.76 ? 2654 A   A OP1   1 
ATOM   192 O OP2   . A   A 1 8  ? -8.557  1.638   -8.675  1.00 18.81 ? 2654 A   A OP2   1 
ATOM   193 O "O5'" . A   A 1 8  ? -8.412  1.440   -6.151  1.00 16.16 ? 2654 A   A "O5'" 1 
ATOM   194 C "C5'" . A   A 1 8  ? -9.251  0.294   -5.926  1.00 15.26 ? 2654 A   A "C5'" 1 
ATOM   195 C "C4'" . A   A 1 8  ? -9.112  -0.227  -4.503  1.00 14.69 ? 2654 A   A "C4'" 1 
ATOM   196 O "O4'" . A   A 1 8  ? -7.793  -0.833  -4.362  1.00 13.80 ? 2654 A   A "O4'" 1 
ATOM   197 C "C3'" . A   A 1 8  ? -9.207  0.786   -3.386  1.00 15.36 ? 2654 A   A "C3'" 1 
ATOM   198 O "O3'" . A   A 1 8  ? -9.848  0.254   -2.231  1.00 16.48 ? 2654 A   A "O3'" 1 
ATOM   199 C "C2'" . A   A 1 8  ? -7.749  1.109   -3.134  1.00 14.50 ? 2654 A   A "C2'" 1 
ATOM   200 O "O2'" . A   A 1 8  ? -7.577  1.649   -1.816  1.00 14.43 ? 2654 A   A "O2'" 1 
ATOM   201 C "C1'" . A   A 1 8  ? -7.152  -0.295  -3.232  1.00 14.77 ? 2654 A   A "C1'" 1 
ATOM   202 N N9    . A   A 1 8  ? -5.705  -0.312  -3.440  1.00 11.46 ? 2654 A   A N9    1 
ATOM   203 C C8    . A   A 1 8  ? -5.106  0.050   -4.632  1.00 11.89 ? 2654 A   A C8    1 
ATOM   204 N N7    . A   A 1 8  ? -3.789  -0.040  -4.594  1.00 11.95 ? 2654 A   A N7    1 
ATOM   205 C C5    . A   A 1 8  ? -3.535  -0.492  -3.293  1.00 12.59 ? 2654 A   A C5    1 
ATOM   206 C C6    . A   A 1 8  ? -2.338  -0.788  -2.637  1.00 12.16 ? 2654 A   A C6    1 
ATOM   207 N N6    . A   A 1 8  ? -1.105  -0.683  -3.165  1.00 14.54 ? 2654 A   A N6    1 
ATOM   208 N N1    . A   A 1 8  ? -2.450  -1.202  -1.374  1.00 13.65 ? 2654 A   A N1    1 
ATOM   209 C C2    . A   A 1 8  ? -3.649  -1.331  -0.779  1.00 14.81 ? 2654 A   A C2    1 
ATOM   210 N N3    . A   A 1 8  ? -4.855  -1.080  -1.308  1.00 14.29 ? 2654 A   A N3    1 
ATOM   211 C C4    . A   A 1 8  ? -4.702  -0.661  -2.589  1.00 12.45 ? 2654 A   A C4    1 
ATOM   212 P P     . G   A 1 9  ? -11.419 0.301   -1.995  1.00 17.85 ? 2655 G   A P     1 
ATOM   213 O OP1   . G   A 1 9  ? -12.135 0.160   -3.278  1.00 24.96 ? 2655 G   A OP1   1 
ATOM   214 O OP2   . G   A 1 9  ? -11.813 1.458   -1.162  1.00 22.41 ? 2655 G   A OP2   1 
ATOM   215 O "O5'" . G   A 1 9  ? -11.593 -1.001  -1.087  1.00 20.77 ? 2655 G   A "O5'" 1 
ATOM   216 C "C5'" . G   A 1 9  ? -11.832 -2.337  -1.461  1.00 21.52 ? 2655 G   A "C5'" 1 
ATOM   217 C "C4'" . G   A 1 9  ? -10.555 -3.042  -1.787  1.00 19.13 ? 2655 G   A "C4'" 1 
ATOM   218 O "O4'" . G   A 1 9  ? -9.593  -3.233  -0.708  1.00 17.14 ? 2655 G   A "O4'" 1 
ATOM   219 C "C3'" . G   A 1 9  ? -10.894 -4.466  -2.233  1.00 17.82 ? 2655 G   A "C3'" 1 
ATOM   220 O "O3'" . G   A 1 9  ? -9.955  -4.842  -3.230  1.00 16.36 ? 2655 G   A "O3'" 1 
ATOM   221 C "C2'" . G   A 1 9  ? -10.840 -5.179  -0.900  1.00 17.46 ? 2655 G   A "C2'" 1 
ATOM   222 O "O2'" . G   A 1 9  ? -10.832 -6.582  -0.985  1.00 21.81 ? 2655 G   A "O2'" 1 
ATOM   223 C "C1'" . G   A 1 9  ? -9.465  -4.650  -0.489  1.00 15.99 ? 2655 G   A "C1'" 1 
ATOM   224 N N9    . G   A 1 9  ? -9.064  -4.925  0.893   1.00 17.00 ? 2655 G   A N9    1 
ATOM   225 C C8    . G   A 1 9  ? -9.803  -5.170  2.023   1.00 21.79 ? 2655 G   A C8    1 
ATOM   226 N N7    . G   A 1 9  ? -9.095  -5.379  3.111   1.00 18.65 ? 2655 G   A N7    1 
ATOM   227 C C5    . G   A 1 9  ? -7.784  -5.267  2.683   1.00 21.63 ? 2655 G   A C5    1 
ATOM   228 C C6    . G   A 1 9  ? -6.562  -5.391  3.405   1.00 21.08 ? 2655 G   A C6    1 
ATOM   229 O O6    . G   A 1 9  ? -6.377  -5.636  4.618   1.00 24.08 ? 2655 G   A O6    1 
ATOM   230 N N1    . G   A 1 9  ? -5.475  -5.195  2.549   1.00 18.71 ? 2655 G   A N1    1 
ATOM   231 C C2    . G   A 1 9  ? -5.543  -4.924  1.214   1.00 17.88 ? 2655 G   A C2    1 
ATOM   232 N N2    . G   A 1 9  ? -4.374  -4.764  0.543   1.00 18.38 ? 2655 G   A N2    1 
ATOM   233 N N3    . G   A 1 9  ? -6.677  -4.803  0.528   1.00 16.58 ? 2655 G   A N3    1 
ATOM   234 C C4    . G   A 1 9  ? -7.747  -4.990  1.328   1.00 18.73 ? 2655 G   A C4    1 
ATOM   235 P P     . U   A 1 10 ? -10.180 -6.166  -4.117  1.00 17.04 ? 2656 U   A P     1 
ATOM   236 O OP1   . U   A 1 10 ? -11.597 -6.515  -4.138  1.00 18.05 ? 2656 U   A OP1   1 
ATOM   237 O OP2   . U   A 1 10 ? -9.221  -7.210  -3.629  1.00 16.58 ? 2656 U   A OP2   1 
ATOM   238 O "O5'" . U   A 1 10 ? -9.609  -5.697  -5.524  1.00 17.88 ? 2656 U   A "O5'" 1 
ATOM   239 C "C5'" . U   A 1 10 ? -10.228 -4.737  -6.377  1.00 15.64 ? 2656 U   A "C5'" 1 
ATOM   240 C "C4'" . U   A 1 10 ? -9.192  -3.952  -7.138  1.00 16.22 ? 2656 U   A "C4'" 1 
ATOM   241 O "O4'" . U   A 1 10 ? -8.501  -2.998  -6.290  1.00 17.22 ? 2656 U   A "O4'" 1 
ATOM   242 C "C3'" . U   A 1 10 ? -8.082  -4.809  -7.717  1.00 16.12 ? 2656 U   A "C3'" 1 
ATOM   243 O "O3'" . U   A 1 10 ? -8.461  -5.356  -8.976  1.00 17.18 ? 2656 U   A "O3'" 1 
ATOM   244 C "C2'" . U   A 1 10 ? -6.932  -3.861  -7.867  1.00 16.66 ? 2656 U   A "C2'" 1 
ATOM   245 O "O2'" . U   A 1 10 ? -7.048  -3.040  -9.039  1.00 17.06 ? 2656 U   A "O2'" 1 
ATOM   246 C "C1'" . U   A 1 10 ? -7.114  -2.964  -6.662  1.00 17.10 ? 2656 U   A "C1'" 1 
ATOM   247 N N1    . U   A 1 10 ? -6.345  -3.335  -5.435  1.00 15.11 ? 2656 U   A N1    1 
ATOM   248 C C2    . U   A 1 10 ? -4.977  -3.290  -5.528  1.00 16.23 ? 2656 U   A C2    1 
ATOM   249 O O2    . U   A 1 10 ? -4.437  -2.965  -6.583  1.00 16.30 ? 2656 U   A O2    1 
ATOM   250 N N3    . U   A 1 10 ? -4.332  -3.636  -4.371  1.00 14.84 ? 2656 U   A N3    1 
ATOM   251 C C4    . U   A 1 10 ? -4.866  -4.009  -3.149  1.00 16.81 ? 2656 U   A C4    1 
ATOM   252 O O4    . U   A 1 10 ? -4.129  -4.289  -2.198  1.00 15.70 ? 2656 U   A O4    1 
ATOM   253 C C5    . U   A 1 10 ? -6.334  -4.031  -3.113  1.00 15.28 ? 2656 U   A C5    1 
ATOM   254 C C6    . U   A 1 10 ? -6.944  -3.693  -4.256  1.00 14.94 ? 2656 U   A C6    1 
ATOM   255 P P     . A   A 1 11 ? -8.085  -6.847  -9.422  1.00 17.31 ? 2657 A   A P     1 
ATOM   256 O OP1   . A   A 1 11 ? -8.605  -7.048  -10.799 1.00 20.74 ? 2657 A   A OP1   1 
ATOM   257 O OP2   . A   A 1 11 ? -8.486  -7.777  -8.320  1.00 21.01 ? 2657 A   A OP2   1 
ATOM   258 O "O5'" . A   A 1 11 ? -6.483  -6.871  -9.420  1.00 15.71 ? 2657 A   A "O5'" 1 
ATOM   259 C "C5'" . A   A 1 11 ? -5.833  -6.145  -10.496 1.00 16.96 ? 2657 A   A "C5'" 1 
ATOM   260 C "C4'" . A   A 1 11 ? -4.337  -6.338  -10.370 1.00 15.19 ? 2657 A   A "C4'" 1 
ATOM   261 O "O4'" . A   A 1 11 ? -3.866  -5.695  -9.176  1.00 16.15 ? 2657 A   A "O4'" 1 
ATOM   262 C "C3'" . A   A 1 11 ? -3.864  -7.759  -10.193 1.00 16.30 ? 2657 A   A "C3'" 1 
ATOM   263 O "O3'" . A   A 1 11 ? -3.873  -8.458  -11.446 1.00 18.24 ? 2657 A   A "O3'" 1 
ATOM   264 C "C2'" . A   A 1 11 ? -2.487  -7.561  -9.620  1.00 17.22 ? 2657 A   A "C2'" 1 
ATOM   265 O "O2'" . A   A 1 11 ? -1.582  -7.088  -10.595 1.00 17.09 ? 2657 A   A "O2'" 1 
ATOM   266 C "C1'" . A   A 1 11 ? -2.708  -6.406  -8.660  1.00 14.85 ? 2657 A   A "C1'" 1 
ATOM   267 N N9    . A   A 1 11 ? -2.985  -6.725  -7.240  1.00 13.52 ? 2657 A   A N9    1 
ATOM   268 C C8    . A   A 1 11 ? -4.151  -6.657  -6.523  1.00 13.58 ? 2657 A   A C8    1 
ATOM   269 N N7    . A   A 1 11 ? -4.007  -7.025  -5.251  1.00 14.75 ? 2657 A   A N7    1 
ATOM   270 C C5    . A   A 1 11 ? -2.675  -7.359  -5.119  1.00 13.92 ? 2657 A   A C5    1 
ATOM   271 C C6    . A   A 1 11 ? -1.859  -7.827  -4.059  1.00 14.84 ? 2657 A   A C6    1 
ATOM   272 N N6    . A   A 1 11 ? -2.230  -8.078  -2.803  1.00 12.99 ? 2657 A   A N6    1 
ATOM   273 N N1    . A   A 1 11 ? -0.545  -8.048  -4.328  1.00 15.56 ? 2657 A   A N1    1 
ATOM   274 C C2    . A   A 1 11 ? -0.089  -7.818  -5.574  1.00 13.33 ? 2657 A   A C2    1 
ATOM   275 N N3    . A   A 1 11 ? -0.753  -7.390  -6.632  1.00 13.01 ? 2657 A   A N3    1 
ATOM   276 C C4    . A   A 1 11 ? -2.039  -7.180  -6.336  1.00 14.11 ? 2657 A   A C4    1 
ATOM   277 P P     . C   A 1 12 ? -4.168  -10.037 -11.417 1.00 19.00 ? 2658 C   A P     1 
ATOM   278 O OP1   . C   A 1 12 ? -3.849  -10.557 -12.754 1.00 23.57 ? 2658 C   A OP1   1 
ATOM   279 O OP2   . C   A 1 12 ? -5.558  -10.240 -10.859 1.00 21.13 ? 2658 C   A OP2   1 
ATOM   280 O "O5'" . C   A 1 12 ? -3.184  -10.646 -10.329 1.00 15.97 ? 2658 C   A "O5'" 1 
ATOM   281 C "C5'" . C   A 1 12 ? -1.767  -10.716 -10.494 1.00 16.53 ? 2658 C   A "C5'" 1 
ATOM   282 C "C4'" . C   A 1 12 ? -1.106  -11.240 -9.249  1.00 15.14 ? 2658 C   A "C4'" 1 
ATOM   283 O "O4'" . C   A 1 12 ? -1.341  -10.284 -8.190  1.00 14.79 ? 2658 C   A "O4'" 1 
ATOM   284 C "C3'" . C   A 1 12 ? -1.614  -12.550 -8.641  1.00 14.14 ? 2658 C   A "C3'" 1 
ATOM   285 O "O3'" . C   A 1 12 ? -1.093  -13.671 -9.340  1.00 14.13 ? 2658 C   A "O3'" 1 
ATOM   286 C "C2'" . C   A 1 12 ? -1.157  -12.453 -7.192  1.00 12.95 ? 2658 C   A "C2'" 1 
ATOM   287 O "O2'" . C   A 1 12 ? 0.218   -12.761 -7.065  1.00 14.69 ? 2658 C   A "O2'" 1 
ATOM   288 C "C1'" . C   A 1 12 ? -1.410  -10.958 -6.944  1.00 13.78 ? 2658 C   A "C1'" 1 
ATOM   289 N N1    . C   A 1 12 ? -2.726  -10.752 -6.326  1.00 13.91 ? 2658 C   A N1    1 
ATOM   290 C C2    . C   A 1 12 ? -2.836  -11.041 -4.963  1.00 12.21 ? 2658 C   A C2    1 
ATOM   291 O O2    . C   A 1 12 ? -1.805  -11.445 -4.383  1.00 13.55 ? 2658 C   A O2    1 
ATOM   292 N N3    . C   A 1 12 ? -4.055  -10.860 -4.381  1.00 14.76 ? 2658 C   A N3    1 
ATOM   293 C C4    . C   A 1 12 ? -5.103  -10.423 -5.092  1.00 14.41 ? 2658 C   A C4    1 
ATOM   294 N N4    . C   A 1 12 ? -6.287  -10.266 -4.444  1.00 14.28 ? 2658 C   A N4    1 
ATOM   295 C C5    . C   A 1 12 ? -5.019  -10.120 -6.495  1.00 13.18 ? 2658 C   A C5    1 
ATOM   296 C C6    . C   A 1 12 ? -3.813  -10.318 -7.028  1.00 14.46 ? 2658 C   A C6    1 
ATOM   297 P P     . G   A 1 13 ? -2.015  -14.986 -9.572  1.00 14.76 ? 2659 G   A P     1 
ATOM   298 O OP1   . G   A 1 13 ? -1.150  -15.893 -10.329 1.00 16.68 ? 2659 G   A OP1   1 
ATOM   299 O OP2   . G   A 1 13 ? -3.362  -14.540 -10.050 1.00 15.71 ? 2659 G   A OP2   1 
ATOM   300 O "O5'" . G   A 1 13 ? -2.244  -15.524 -8.087  1.00 15.53 ? 2659 G   A "O5'" 1 
ATOM   301 C "C5'" . G   A 1 13 ? -1.137  -16.143 -7.393  1.00 14.80 ? 2659 G   A "C5'" 1 
ATOM   302 C "C4'" . G   A 1 13 ? -1.591  -16.427 -5.978  1.00 14.11 ? 2659 G   A "C4'" 1 
ATOM   303 O "O4'" . G   A 1 13 ? -1.886  -15.205 -5.243  1.00 15.15 ? 2659 G   A "O4'" 1 
ATOM   304 C "C3'" . G   A 1 13 ? -2.878  -17.213 -5.878  1.00 14.45 ? 2659 G   A "C3'" 1 
ATOM   305 O "O3'" . G   A 1 13 ? -2.654  -18.595 -6.172  1.00 14.22 ? 2659 G   A "O3'" 1 
ATOM   306 C "C2'" . G   A 1 13 ? -3.270  -16.874 -4.439  1.00 15.43 ? 2659 G   A "C2'" 1 
ATOM   307 O "O2'" . G   A 1 13 ? -2.611  -17.731 -3.554  1.00 15.24 ? 2659 G   A "O2'" 1 
ATOM   308 C "C1'" . G   A 1 13 ? -2.910  -15.362 -4.340  1.00 13.39 ? 2659 G   A "C1'" 1 
ATOM   309 N N9    . G   A 1 13 ? -4.133  -14.675 -4.683  1.00 14.13 ? 2659 G   A N9    1 
ATOM   310 C C8    . G   A 1 13 ? -4.497  -14.039 -5.853  1.00 13.99 ? 2659 G   A C8    1 
ATOM   311 N N7    . G   A 1 13 ? -5.709  -13.525 -5.792  1.00 13.98 ? 2659 G   A N7    1 
ATOM   312 C C5    . G   A 1 13 ? -6.181  -13.830 -4.530  1.00 14.68 ? 2659 G   A C5    1 
ATOM   313 C C6    . G   A 1 13 ? -7.409  -13.565 -3.854  1.00 15.34 ? 2659 G   A C6    1 
ATOM   314 O O6    . G   A 1 13 ? -8.398  -12.954 -4.271  1.00 16.88 ? 2659 G   A O6    1 
ATOM   315 N N1    . G   A 1 13 ? -7.426  -14.094 -2.550  1.00 15.24 ? 2659 G   A N1    1 
ATOM   316 C C2    . G   A 1 13 ? -6.388  -14.782 -1.984  1.00 13.49 ? 2659 G   A C2    1 
ATOM   317 N N2    . G   A 1 13 ? -6.593  -15.210 -0.720  1.00 14.06 ? 2659 G   A N2    1 
ATOM   318 N N3    . G   A 1 13 ? -5.245  -15.036 -2.593  1.00 13.88 ? 2659 G   A N3    1 
ATOM   319 C C4    . G   A 1 13 ? -5.223  -14.538 -3.838  1.00 16.41 ? 2659 G   A C4    1 
ATOM   320 P P     . A   A 1 14 ? -3.580  -19.399 -7.214  1.00 16.79 ? 2660 A   A P     1 
ATOM   321 O OP1   . A   A 1 14 ? -3.146  -20.813 -7.298  1.00 21.15 ? 2660 A   A OP1   1 
ATOM   322 O OP2   . A   A 1 14 ? -3.677  -18.664 -8.532  1.00 18.27 ? 2660 A   A OP2   1 
ATOM   323 O "O5'" . A   A 1 14 ? -5.022  -19.332 -6.540  1.00 16.28 ? 2660 A   A "O5'" 1 
ATOM   324 C "C5'" . A   A 1 14 ? -6.211  -19.680 -7.269  1.00 19.93 ? 2660 A   A "C5'" 1 
ATOM   325 C "C4'" . A   A 1 14 ? -7.114  -20.524 -6.413  1.00 17.42 ? 2660 A   A "C4'" 1 
ATOM   326 O "O4'" . A   A 1 14 ? -6.375  -21.724 -6.020  1.00 18.21 ? 2660 A   A "O4'" 1 
ATOM   327 C "C3'" . A   A 1 14 ? -7.575  -19.948 -5.094  1.00 17.23 ? 2660 A   A "C3'" 1 
ATOM   328 O "O3'" . A   A 1 14 ? -8.724  -19.109 -5.237  1.00 18.99 ? 2660 A   A "O3'" 1 
ATOM   329 C "C2'" . A   A 1 14 ? -7.902  -21.177 -4.281  1.00 16.46 ? 2660 A   A "C2'" 1 
ATOM   330 O "O2'" . A   A 1 14 ? -9.107  -21.768 -4.803  1.00 18.02 ? 2660 A   A "O2'" 1 
ATOM   331 C "C1'" . A   A 1 14 ? -6.818  -22.154 -4.728  1.00 17.32 ? 2660 A   A "C1'" 1 
ATOM   332 N N9    . A   A 1 14 ? -5.592  -22.242 -3.905  1.00 15.27 ? 2660 A   A N9    1 
ATOM   333 C C8    . A   A 1 14 ? -4.332  -21.751 -4.172  1.00 15.39 ? 2660 A   A C8    1 
ATOM   334 N N7    . A   A 1 14 ? -3.459  -22.013 -3.223  1.00 16.87 ? 2660 A   A N7    1 
ATOM   335 C C5    . A   A 1 14 ? -4.198  -22.720 -2.273  1.00 15.55 ? 2660 A   A C5    1 
ATOM   336 C C6    . A   A 1 14 ? -3.852  -23.282 -1.035  1.00 16.55 ? 2660 A   A C6    1 
ATOM   337 N N6    . A   A 1 14 ? -2.638  -23.235 -0.479  1.00 19.15 ? 2660 A   A N6    1 
ATOM   338 N N1    . A   A 1 14 ? -4.813  -23.920 -0.328  1.00 16.70 ? 2660 A   A N1    1 
ATOM   339 C C2    . A   A 1 14 ? -6.033  -23.973 -0.873  1.00 17.18 ? 2660 A   A C2    1 
ATOM   340 N N3    . A   A 1 14 ? -6.493  -23.494 -2.020  1.00 17.73 ? 2660 A   A N3    1 
ATOM   341 C C4    . A   A 1 14 ? -5.513  -22.864 -2.684  1.00 15.40 ? 2660 A   A C4    1 
HETATM 342 P P     A G46 A 1 15 ? -8.715  -17.611 -4.654  0.50 18.99 ? 2661 G46 A P     1 
HETATM 343 P P     B G46 A 1 15 ? -8.690  -17.621 -4.650  0.50 19.65 ? 2661 G46 A P     1 
HETATM 344 S S2P   A G46 A 1 15 ? -6.882  -17.066 -5.044  0.50 22.12 ? 2661 G46 A S2P   1 
HETATM 345 S S2P   B G46 A 1 15 ? -10.175 -16.577 -5.324  0.50 19.38 ? 2661 G46 A S2P   1 
HETATM 346 O O3P   A G46 A 1 15 ? -9.791  -16.856 -5.198  0.50 23.09 ? 2661 G46 A O3P   1 
HETATM 347 O O3P   B G46 A 1 15 ? -7.329  -16.961 -4.853  0.50 13.06 ? 2661 G46 A O3P   1 
HETATM 348 O "O5'" . G46 A 1 15 ? -8.784  -17.722 -3.057  1.00 22.66 ? 2661 G46 A "O5'" 1 
HETATM 349 C "C5'" . G46 A 1 15 ? -9.851  -18.113 -2.246  1.00 21.72 ? 2661 G46 A "C5'" 1 
HETATM 350 C "C4'" . G46 A 1 15 ? -9.429  -18.968 -1.098  1.00 15.37 ? 2661 G46 A "C4'" 1 
HETATM 351 O "O4'" . G46 A 1 15 ? -8.343  -19.859 -1.478  1.00 13.96 ? 2661 G46 A "O4'" 1 
HETATM 352 C "C3'" . G46 A 1 15 ? -8.859  -18.231 0.124   1.00 13.97 ? 2661 G46 A "C3'" 1 
HETATM 353 O "O3'" . G46 A 1 15 ? -9.915  -17.632 0.853   1.00 14.28 ? 2661 G46 A "O3'" 1 
HETATM 354 C "C2'" . G46 A 1 15 ? -8.193  -19.333 0.855   1.00 13.20 ? 2661 G46 A "C2'" 1 
HETATM 355 C "C1'" . G46 A 1 15 ? -7.563  -20.090 -0.279  1.00 13.91 ? 2661 G46 A "C1'" 1 
HETATM 356 O "O2'" . G46 A 1 15 ? -9.173  -20.221 1.406   1.00 15.87 ? 2661 G46 A "O2'" 1 
HETATM 357 N N9    . G46 A 1 15 ? -6.189  -19.717 -0.724  1.00 13.70 ? 2661 G46 A N9    1 
HETATM 358 C C8    . G46 A 1 15 ? -5.786  -19.012 -1.829  1.00 14.38 ? 2661 G46 A C8    1 
HETATM 359 N N7    . G46 A 1 15 ? -4.489  -18.898 -1.865  1.00 14.13 ? 2661 G46 A N7    1 
HETATM 360 C C5    . G46 A 1 15 ? -4.004  -19.543 -0.752  1.00 14.06 ? 2661 G46 A C5    1 
HETATM 361 C C6    . G46 A 1 15 ? -2.689  -19.745 -0.272  1.00 12.12 ? 2661 G46 A C6    1 
HETATM 362 O O6    . G46 A 1 15 ? -1.597  -19.385 -0.733  1.00 16.09 ? 2661 G46 A O6    1 
HETATM 363 N N1    . G46 A 1 15 ? -2.687  -20.472 0.919   1.00 13.56 ? 2661 G46 A N1    1 
HETATM 364 C C2    . G46 A 1 15 ? -3.786  -20.946 1.561   1.00 12.84 ? 2661 G46 A C2    1 
HETATM 365 N N2    . G46 A 1 15 ? -3.558  -21.631 2.707   1.00 13.43 ? 2661 G46 A N2    1 
HETATM 366 N N3    . G46 A 1 15 ? -5.024  -20.765 1.123   1.00 12.37 ? 2661 G46 A N3    1 
HETATM 367 C C4    . G46 A 1 15 ? -5.067  -20.062 -0.032  1.00 12.78 ? 2661 G46 A C4    1 
ATOM   368 P P     . A   A 1 16 ? -9.633  -16.328 1.740   1.00 14.22 ? 2662 A   A P     1 
ATOM   369 O OP1   . A   A 1 16 ? -10.926 -16.009 2.405   1.00 15.24 ? 2662 A   A OP1   1 
ATOM   370 O OP2   . A   A 1 16 ? -8.958  -15.277 0.972   1.00 14.19 ? 2662 A   A OP2   1 
ATOM   371 O "O5'" . A   A 1 16 ? -8.578  -16.830 2.820   1.00 13.56 ? 2662 A   A "O5'" 1 
ATOM   372 C "C5'" . A   A 1 16 ? -8.854  -17.812 3.820   1.00 13.27 ? 2662 A   A "C5'" 1 
ATOM   373 C "C4'" . A   A 1 16 ? -7.588  -18.018 4.645   1.00 12.90 ? 2662 A   A "C4'" 1 
ATOM   374 O "O4'" . A   A 1 16 ? -6.620  -18.767 3.871   1.00 12.54 ? 2662 A   A "O4'" 1 
ATOM   375 C "C3'" . A   A 1 16 ? -6.815  -16.779 5.074   1.00 12.40 ? 2662 A   A "C3'" 1 
ATOM   376 O "O3'" . A   A 1 16 ? -7.410  -16.256 6.248   1.00 15.27 ? 2662 A   A "O3'" 1 
ATOM   377 C "C2'" . A   A 1 16 ? -5.446  -17.344 5.272   1.00 13.72 ? 2662 A   A "C2'" 1 
ATOM   378 O "O2'" . A   A 1 16 ? -5.306  -17.980 6.513   1.00 14.73 ? 2662 A   A "O2'" 1 
ATOM   379 C "C1'" . A   A 1 16 ? -5.322  -18.366 4.128   1.00 13.19 ? 2662 A   A "C1'" 1 
ATOM   380 N N9    . A   A 1 16 ? -4.703  -17.701 2.986   1.00 13.04 ? 2662 A   A N9    1 
ATOM   381 C C8    . A   A 1 16 ? -5.354  -16.959 1.998   1.00 13.10 ? 2662 A   A C8    1 
ATOM   382 N N7    . A   A 1 16 ? -4.558  -16.457 1.073   1.00 12.92 ? 2662 A   A N7    1 
ATOM   383 C C5    . A   A 1 16 ? -3.313  -16.905 1.505   1.00 12.63 ? 2662 A   A C5    1 
ATOM   384 C C6    . A   A 1 16 ? -2.056  -16.693 0.934   1.00 13.04 ? 2662 A   A C6    1 
ATOM   385 N N6    . A   A 1 16 ? -1.948  -15.960 -0.200  1.00 14.90 ? 2662 A   A N6    1 
ATOM   386 N N1    . A   A 1 16 ? -1.013  -17.239 1.557   1.00 13.47 ? 2662 A   A N1    1 
ATOM   387 C C2    . A   A 1 16 ? -1.171  -17.966 2.689   1.00 13.27 ? 2662 A   A C2    1 
ATOM   388 N N3    . A   A 1 16 ? -2.334  -18.215 3.300   1.00 12.17 ? 2662 A   A N3    1 
ATOM   389 C C4    . A   A 1 16 ? -3.363  -17.656 2.654   1.00 12.16 ? 2662 A   A C4    1 
ATOM   390 P P     . G   A 1 17 ? -7.536  -14.672 6.489   1.00 16.38 ? 2663 G   A P     1 
ATOM   391 O OP1   . G   A 1 17 ? -8.170  -14.520 7.827   1.00 20.34 ? 2663 G   A OP1   1 
ATOM   392 O OP2   . G   A 1 17 ? -8.072  -14.064 5.258   1.00 15.75 ? 2663 G   A OP2   1 
ATOM   393 O "O5'" . G   A 1 17 ? -5.995  -14.302 6.628   1.00 16.84 ? 2663 G   A "O5'" 1 
ATOM   394 C "C5'" . G   A 1 17 ? -5.472  -13.078 6.140   1.00 16.55 ? 2663 G   A "C5'" 1 
ATOM   395 C "C4'" . G   A 1 17 ? -4.234  -13.313 5.322   1.00 15.55 ? 2663 G   A "C4'" 1 
ATOM   396 O "O4'" . G   A 1 17 ? -4.421  -14.206 4.195   1.00 16.76 ? 2663 G   A "O4'" 1 
ATOM   397 C "C3'" . G   A 1 17 ? -3.720  -12.011 4.687   1.00 14.39 ? 2663 G   A "C3'" 1 
ATOM   398 O "O3'" . G   A 1 17 ? -3.031  -11.229 5.671   1.00 15.98 ? 2663 G   A "O3'" 1 
ATOM   399 C "C2'" . G   A 1 17 ? -2.911  -12.595 3.561   1.00 14.82 ? 2663 G   A "C2'" 1 
ATOM   400 O "O2'" . G   A 1 17 ? -1.631  -13.014 3.956   1.00 15.56 ? 2663 G   A "O2'" 1 
ATOM   401 C "C1'" . G   A 1 17 ? -3.839  -13.707 3.033   1.00 14.67 ? 2663 G   A "C1'" 1 
ATOM   402 N N9    . G   A 1 17 ? -4.776  -13.103 2.093   1.00 14.15 ? 2663 G   A N9    1 
ATOM   403 C C8    . G   A 1 17 ? -6.122  -12.817 2.242   1.00 15.38 ? 2663 G   A C8    1 
ATOM   404 N N7    . G   A 1 17 ? -6.672  -12.275 1.210   1.00 14.80 ? 2663 G   A N7    1 
ATOM   405 C C5    . G   A 1 17 ? -5.654  -12.173 0.281   1.00 14.41 ? 2663 G   A C5    1 
ATOM   406 C C6    . G   A 1 17 ? -5.612  -11.666 -1.043  1.00 13.63 ? 2663 G   A C6    1 
ATOM   407 O O6    . G   A 1 17 ? -6.541  -11.170 -1.713  1.00 15.89 ? 2663 G   A O6    1 
ATOM   408 N N1    . G   A 1 17 ? -4.356  -11.750 -1.656  1.00 13.47 ? 2663 G   A N1    1 
ATOM   409 C C2    . G   A 1 17 ? -3.261  -12.280 -1.012  1.00 14.35 ? 2663 G   A C2    1 
ATOM   410 N N2    . G   A 1 17 ? -2.118  -12.308 -1.693  1.00 15.08 ? 2663 G   A N2    1 
ATOM   411 N N3    . G   A 1 17 ? -3.272  -12.758 0.221   1.00 14.81 ? 2663 G   A N3    1 
ATOM   412 C C4    . G   A 1 17 ? -4.477  -12.680 0.817   1.00 14.17 ? 2663 G   A C4    1 
ATOM   413 P P     . G   A 1 18 ? -3.193  -9.633  5.751   1.00 15.74 ? 2664 G   A P     1 
ATOM   414 O OP1   . G   A 1 18 ? -2.302  -9.119  6.805   1.00 19.61 ? 2664 G   A OP1   1 
ATOM   415 O OP2   . G   A 1 18 ? -4.675  -9.335  5.786   1.00 16.24 ? 2664 G   A OP2   1 
ATOM   416 O "O5'" . G   A 1 18 ? -2.719  -9.117  4.322   1.00 16.21 ? 2664 G   A "O5'" 1 
ATOM   417 C "C5'" . G   A 1 18 ? -1.403  -9.322  3.805   1.00 15.27 ? 2664 G   A "C5'" 1 
ATOM   418 C "C4'" . G   A 1 18 ? -1.409  -8.905  2.348   1.00 14.72 ? 2664 G   A "C4'" 1 
ATOM   419 O "O4'" . G   A 1 18 ? -2.354  -9.718  1.578   1.00 13.88 ? 2664 G   A "O4'" 1 
ATOM   420 C "C3'" . G   A 1 18 ? -1.878  -7.503  2.025   1.00 14.23 ? 2664 G   A "C3'" 1 
ATOM   421 O "O3'" . G   A 1 18 ? -0.879  -6.545  2.325   1.00 14.83 ? 2664 G   A "O3'" 1 
ATOM   422 C "C2'" . G   A 1 18 ? -2.165  -7.614  0.544   1.00 12.80 ? 2664 G   A "C2'" 1 
ATOM   423 O "O2'" . G   A 1 18 ? -0.979  -7.749  -0.248  1.00 13.43 ? 2664 G   A "O2'" 1 
ATOM   424 C "C1'" . G   A 1 18 ? -2.883  -8.945  0.514   1.00 12.92 ? 2664 G   A "C1'" 1 
ATOM   425 N N9    . G   A 1 18 ? -4.334  -8.811  0.718   1.00 13.63 ? 2664 G   A N9    1 
ATOM   426 C C8    . G   A 1 18 ? -4.973  -9.095  1.890   1.00 13.70 ? 2664 G   A C8    1 
ATOM   427 N N7    . G   A 1 18 ? -6.261  -8.896  1.824   1.00 14.72 ? 2664 G   A N7    1 
ATOM   428 C C5    . G   A 1 18 ? -6.489  -8.450  0.529   1.00 14.51 ? 2664 G   A C5    1 
ATOM   429 C C6    . G   A 1 18 ? -7.678  -8.071  -0.146  1.00 15.49 ? 2664 G   A C6    1 
ATOM   430 O O6    . G   A 1 18 ? -8.809  -8.070  0.343   1.00 18.06 ? 2664 G   A O6    1 
ATOM   431 N N1    . G   A 1 18 ? -7.495  -7.668  -1.479  1.00 15.36 ? 2664 G   A N1    1 
ATOM   432 C C2    . G   A 1 18 ? -6.262  -7.648  -2.071  1.00 13.25 ? 2664 G   A C2    1 
ATOM   433 N N2    . G   A 1 18 ? -6.226  -7.244  -3.350  1.00 16.45 ? 2664 G   A N2    1 
ATOM   434 N N3    . G   A 1 18 ? -5.134  -8.005  -1.443  1.00 13.86 ? 2664 G   A N3    1 
ATOM   435 C C4    . G   A 1 18 ? -5.289  -8.392  -0.169  1.00 13.31 ? 2664 G   A C4    1 
ATOM   436 P P     . A   A 1 19 ? -1.241  -5.013  2.578   1.00 14.55 ? 2665 A   A P     1 
ATOM   437 O OP1   . A   A 1 19 ? -0.079  -4.372  3.199   1.00 16.14 ? 2665 A   A OP1   1 
ATOM   438 O OP2   . A   A 1 19 ? -2.600  -4.944  3.163   1.00 16.28 ? 2665 A   A OP2   1 
ATOM   439 O "O5'" . A   A 1 19 ? -1.421  -4.457  1.077   1.00 14.64 ? 2665 A   A "O5'" 1 
ATOM   440 C "C5'" . A   A 1 19 ? -0.505  -3.537  0.455   1.00 12.95 ? 2665 A   A "C5'" 1 
ATOM   441 C "C4'" . A   A 1 19 ? 0.682   -4.230  -0.161  1.00 15.21 ? 2665 A   A "C4'" 1 
ATOM   442 O "O4'" . A   A 1 19 ? 0.314   -5.363  -1.005  1.00 15.72 ? 2665 A   A "O4'" 1 
ATOM   443 C "C3'" . A   A 1 19 ? 1.518   -3.386  -1.136  1.00 15.56 ? 2665 A   A "C3'" 1 
ATOM   444 O "O3'" . A   A 1 19 ? 2.313   -2.460  -0.387  1.00 14.80 ? 2665 A   A "O3'" 1 
ATOM   445 C "C2'" . A   A 1 19 ? 2.256   -4.446  -1.923  1.00 14.32 ? 2665 A   A "C2'" 1 
ATOM   446 O "O2'" . A   A 1 19 ? 3.335   -5.015  -1.189  1.00 18.86 ? 2665 A   A "O2'" 1 
ATOM   447 C "C1'" . A   A 1 19 ? 1.076   -5.367  -2.185  1.00 13.82 ? 2665 A   A "C1'" 1 
ATOM   448 N N9    . A   A 1 19 ? 0.231   -4.863  -3.263  1.00 14.56 ? 2665 A   A N9    1 
ATOM   449 C C8    . A   A 1 19 ? -1.070  -4.402  -3.152  1.00 12.82 ? 2665 A   A C8    1 
ATOM   450 N N7    . A   A 1 19 ? -1.569  -4.017  -4.287  1.00 14.53 ? 2665 A   A N7    1 
ATOM   451 C C5    . A   A 1 19 ? -0.556  -4.219  -5.210  1.00 14.04 ? 2665 A   A C5    1 
ATOM   452 C C6    . A   A 1 19 ? -0.507  -3.986  -6.598  1.00 15.41 ? 2665 A   A C6    1 
ATOM   453 N N6    . A   A 1 19 ? -1.549  -3.477  -7.288  1.00 14.46 ? 2665 A   A N6    1 
ATOM   454 N N1    . A   A 1 19 ? 0.651   -4.294  -7.233  1.00 15.47 ? 2665 A   A N1    1 
ATOM   455 C C2    . A   A 1 19 ? 1.662   -4.799  -6.509  1.00 14.35 ? 2665 A   A C2    1 
ATOM   456 N N3    . A   A 1 19 ? 1.696   -5.054  -5.193  1.00 15.12 ? 2665 A   A N3    1 
ATOM   457 C C4    . A   A 1 19 ? 0.548   -4.734  -4.592  1.00 13.87 ? 2665 A   A C4    1 
ATOM   458 P P     . C   A 1 20 ? 2.644   -1.029  -1.028  1.00 14.38 ? 2666 C   A P     1 
ATOM   459 O OP1   . C   A 1 20 ? 3.234   -0.213  0.070   1.00 16.23 ? 2666 C   A OP1   1 
ATOM   460 O OP2   . C   A 1 20 ? 1.437   -0.533  -1.763  1.00 13.29 ? 2666 C   A OP2   1 
ATOM   461 O "O5'" . C   A 1 20 ? 3.750   -1.341  -2.139  1.00 14.00 ? 2666 C   A "O5'" 1 
ATOM   462 C "C5'" . C   A 1 20 ? 4.938   -2.085  -1.832  1.00 14.81 ? 2666 C   A "C5'" 1 
ATOM   463 C "C4'" . C   A 1 20 ? 5.633   -2.529  -3.106  1.00 16.34 ? 2666 C   A "C4'" 1 
ATOM   464 O "O4'" . C   A 1 20 ? 4.765   -3.259  -3.989  1.00 15.30 ? 2666 C   A "O4'" 1 
ATOM   465 C "C3'" . C   A 1 20 ? 6.117   -1.391  -3.996  1.00 16.88 ? 2666 C   A "C3'" 1 
ATOM   466 O "O3'" . C   A 1 20 ? 7.322   -0.840  -3.497  1.00 16.62 ? 2666 C   A "O3'" 1 
ATOM   467 C "C2'" . C   A 1 20 ? 6.304   -2.050  -5.344  1.00 15.63 ? 2666 C   A "C2'" 1 
ATOM   468 O "O2'" . C   A 1 20 ? 7.500   -2.803  -5.368  1.00 17.84 ? 2666 C   A "O2'" 1 
ATOM   469 C "C1'" . C   A 1 20 ? 5.069   -2.943  -5.348  1.00 15.28 ? 2666 C   A "C1'" 1 
ATOM   470 N N1    . C   A 1 20 ? 3.851   -2.336  -5.938  1.00 13.93 ? 2666 C   A N1    1 
ATOM   471 C C2    . C   A 1 20 ? 3.838   -2.233  -7.320  1.00 12.23 ? 2666 C   A C2    1 
ATOM   472 O O2    . C   A 1 20 ? 4.870   -2.660  -7.885  1.00 15.82 ? 2666 C   A O2    1 
ATOM   473 N N3    . C   A 1 20 ? 2.790   -1.700  -7.977  1.00 13.43 ? 2666 C   A N3    1 
ATOM   474 C C4    . C   A 1 20 ? 1.752   -1.296  -7.233  1.00 11.78 ? 2666 C   A C4    1 
ATOM   475 N N4    . C   A 1 20 ? 0.727   -0.778  -7.872  1.00 14.25 ? 2666 C   A N4    1 
ATOM   476 C C5    . C   A 1 20 ? 1.709   -1.384  -5.816  1.00 12.66 ? 2666 C   A C5    1 
ATOM   477 C C6    . C   A 1 20 ? 2.778   -1.910  -5.194  1.00 12.12 ? 2666 C   A C6    1 
ATOM   478 P P     . C   A 1 21 ? 7.550   0.747   -3.393  1.00 18.25 ? 2667 C   A P     1 
ATOM   479 O OP1   . C   A 1 21 ? 8.933   0.871   -2.842  1.00 19.75 ? 2667 C   A OP1   1 
ATOM   480 O OP2   . C   A 1 21 ? 6.387   1.375   -2.729  1.00 18.03 ? 2667 C   A OP2   1 
ATOM   481 O "O5'" . C   A 1 21 ? 7.541   1.211   -4.914  1.00 17.38 ? 2667 C   A "O5'" 1 
ATOM   482 C "C5'" . C   A 1 21 ? 8.578   1.010   -5.872  1.00 18.21 ? 2667 C   A "C5'" 1 
ATOM   483 C "C4'" . C   A 1 21 ? 8.008   1.246   -7.249  1.00 19.59 ? 2667 C   A "C4'" 1 
ATOM   484 O "O4'" . C   A 1 21 ? 6.790   0.450   -7.465  1.00 18.06 ? 2667 C   A "O4'" 1 
ATOM   485 C "C3'" . C   A 1 21 ? 7.557   2.675   -7.566  1.00 17.87 ? 2667 C   A "C3'" 1 
ATOM   486 O "O3'" . C   A 1 21 ? 8.675   3.526   -7.823  1.00 19.62 ? 2667 C   A "O3'" 1 
ATOM   487 C "C2'" . C   A 1 21 ? 6.654   2.440   -8.754  1.00 17.39 ? 2667 C   A "C2'" 1 
ATOM   488 O "O2'" . C   A 1 21 ? 7.420   2.249   -9.936  1.00 17.76 ? 2667 C   A "O2'" 1 
ATOM   489 C "C1'" . C   A 1 21 ? 5.935   1.166   -8.334  1.00 17.73 ? 2667 C   A "C1'" 1 
ATOM   490 N N1    . C   A 1 21 ? 4.682   1.469   -7.618  1.00 16.10 ? 2667 C   A N1    1 
ATOM   491 C C2    . C   A 1 21 ? 3.596   1.910   -8.393  1.00 16.62 ? 2667 C   A C2    1 
ATOM   492 O O2    . C   A 1 21 ? 3.777   2.001   -9.622  1.00 18.19 ? 2667 C   A O2    1 
ATOM   493 N N3    . C   A 1 21 ? 2.443   2.190   -7.748  1.00 16.67 ? 2667 C   A N3    1 
ATOM   494 C C4    . C   A 1 21 ? 2.314   2.074   -6.429  1.00 14.30 ? 2667 C   A C4    1 
ATOM   495 N N4    . C   A 1 21 ? 1.135   2.377   -5.881  1.00 16.00 ? 2667 C   A N4    1 
ATOM   496 C C5    . C   A 1 21 ? 3.410   1.629   -5.621  1.00 13.71 ? 2667 C   A C5    1 
ATOM   497 C C6    . C   A 1 21 ? 4.579   1.336   -6.252  1.00 14.52 ? 2667 C   A C6    1 
ATOM   498 P P     . G   A 1 22 ? 8.758   5.003   -7.186  1.00 18.48 ? 2668 G   A P     1 
ATOM   499 O OP1   . G   A 1 22 ? 9.906   5.703   -7.808  1.00 21.31 ? 2668 G   A OP1   1 
ATOM   500 O OP2   . G   A 1 22 ? 8.637   4.905   -5.728  1.00 21.53 ? 2668 G   A OP2   1 
ATOM   501 O "O5'" . G   A 1 22 ? 7.427   5.681   -7.749  1.00 16.62 ? 2668 G   A "O5'" 1 
ATOM   502 C "C5'" . G   A 1 22 ? 7.311   6.117   -9.105  1.00 16.93 ? 2668 G   A "C5'" 1 
ATOM   503 C "C4'" . G   A 1 22 ? 5.884   6.558   -9.373  1.00 17.23 ? 2668 G   A "C4'" 1 
ATOM   504 O "O4'" . G   A 1 22 ? 4.934   5.494   -9.078  1.00 16.36 ? 2668 G   A "O4'" 1 
ATOM   505 C "C3'" . G   A 1 22 ? 5.358   7.705   -8.529  1.00 19.49 ? 2668 G   A "C3'" 1 
ATOM   506 O "O3'" . G   A 1 22 ? 5.936   8.963   -8.891  1.00 20.15 ? 2668 G   A "O3'" 1 
ATOM   507 C "C2'" . G   A 1 22 ? 3.864   7.556   -8.808  1.00 17.28 ? 2668 G   A "C2'" 1 
ATOM   508 O "O2'" . G   A 1 22 ? 3.465   7.933   -10.087 1.00 18.68 ? 2668 G   A "O2'" 1 
ATOM   509 C "C1'" . G   A 1 22 ? 3.713   6.069   -8.599  1.00 14.63 ? 2668 G   A "C1'" 1 
ATOM   510 N N9    . G   A 1 22 ? 3.530   5.661   -7.193  1.00 14.41 ? 2668 G   A N9    1 
ATOM   511 C C8    . G   A 1 22 ? 4.465   5.039   -6.393  1.00 15.13 ? 2668 G   A C8    1 
ATOM   512 N N7    . G   A 1 22 ? 4.007   4.799   -5.182  1.00 14.20 ? 2668 G   A N7    1 
ATOM   513 C C5    . G   A 1 22 ? 2.713   5.286   -5.197  1.00 13.09 ? 2668 G   A C5    1 
ATOM   514 C C6    . G   A 1 22 ? 1.723   5.309   -4.185  1.00 12.06 ? 2668 G   A C6    1 
ATOM   515 O O6    . G   A 1 22 ? 1.808   4.887   -3.036  1.00 13.92 ? 2668 G   A O6    1 
ATOM   516 N N1    . G   A 1 22 ? 0.551   5.890   -4.608  1.00 12.14 ? 2668 G   A N1    1 
ATOM   517 C C2    . G   A 1 22 ? 0.331   6.400   -5.866  1.00 12.41 ? 2668 G   A C2    1 
ATOM   518 N N2    . G   A 1 22 ? -0.869  6.934   -6.120  1.00 11.87 ? 2668 G   A N2    1 
ATOM   519 N N3    . G   A 1 22 ? 1.240   6.385   -6.817  1.00 13.24 ? 2668 G   A N3    1 
ATOM   520 C C4    . G   A 1 22 ? 2.415   5.810   -6.418  1.00 12.38 ? 2668 G   A C4    1 
ATOM   521 P P     . G   A 1 23 ? 6.189   10.086  -7.758  1.00 21.26 ? 2669 G   A P     1 
ATOM   522 O OP1   . G   A 1 23 ? 6.921   11.220  -8.414  1.00 27.12 ? 2669 G   A OP1   1 
ATOM   523 O OP2   . G   A 1 23 ? 6.788   9.430   -6.546  1.00 22.77 ? 2669 G   A OP2   1 
ATOM   524 O "O5'" . G   A 1 23 ? 4.756   10.639  -7.326  1.00 19.88 ? 2669 G   A "O5'" 1 
ATOM   525 C "C5'" . G   A 1 23 ? 3.789   11.056  -8.299  1.00 18.14 ? 2669 G   A "C5'" 1 
ATOM   526 C "C4'" . G   A 1 23 ? 2.446   11.165  -7.631  1.00 16.03 ? 2669 G   A "C4'" 1 
ATOM   527 O "O4'" . G   A 1 23 ? 2.103   9.852   -7.127  1.00 15.87 ? 2669 G   A "O4'" 1 
ATOM   528 C "C3'" . G   A 1 23 ? 2.326   12.016  -6.391  1.00 15.34 ? 2669 G   A "C3'" 1 
ATOM   529 O "O3'" . G   A 1 23 ? 2.262   13.388  -6.706  1.00 20.16 ? 2669 G   A "O3'" 1 
ATOM   530 C "C2'" . G   A 1 23 ? 1.026   11.537  -5.781  1.00 14.29 ? 2669 G   A "C2'" 1 
ATOM   531 O "O2'" . G   A 1 23 ? -0.123  11.890  -6.580  1.00 16.50 ? 2669 G   A "O2'" 1 
ATOM   532 C "C1'" . G   A 1 23 ? 1.242   10.033  -5.995  1.00 13.27 ? 2669 G   A "C1'" 1 
ATOM   533 N N9    . G   A 1 23 ? 1.896   9.290   -4.897  1.00 12.93 ? 2669 G   A N9    1 
ATOM   534 C C8    . G   A 1 23 ? 3.149   8.690   -4.877  1.00 15.24 ? 2669 G   A C8    1 
ATOM   535 N N7    . G   A 1 23 ? 3.404   8.110   -3.720  1.00 14.05 ? 2669 G   A N7    1 
ATOM   536 C C5    . G   A 1 23 ? 2.265   8.339   -2.953  1.00 13.47 ? 2669 G   A C5    1 
ATOM   537 C C6    . G   A 1 23 ? 1.935   7.961   -1.628  1.00 12.21 ? 2669 G   A C6    1 
ATOM   538 O O6    . G   A 1 23 ? 2.656   7.317   -0.860  1.00 16.53 ? 2669 G   A O6    1 
ATOM   539 N N1    . G   A 1 23 ? 0.660   8.384   -1.183  1.00 12.29 ? 2669 G   A N1    1 
ATOM   540 C C2    . G   A 1 23 ? -0.171  9.109   -2.016  1.00 12.65 ? 2669 G   A C2    1 
ATOM   541 N N2    . G   A 1 23 ? -1.366  9.481   -1.541  1.00 14.21 ? 2669 G   A N2    1 
ATOM   542 N N3    . G   A 1 23 ? 0.129   9.461   -3.254  1.00 13.58 ? 2669 G   A N3    1 
ATOM   543 C C4    . G   A 1 23 ? 1.340   9.059   -3.669  1.00 12.39 ? 2669 G   A C4    1 
ATOM   544 P P     . A   A 1 24 ? 2.907   14.519  -5.799  1.00 23.68 ? 2670 A   A P     1 
ATOM   545 O OP1   . A   A 1 24 ? 2.908   15.784  -6.606  1.00 34.91 ? 2670 A   A OP1   1 
ATOM   546 O OP2   . A   A 1 24 ? 4.209   14.034  -5.300  1.00 32.79 ? 2670 A   A OP2   1 
ATOM   547 O "O5'" . A   A 1 24 ? 1.914   14.726  -4.571  1.00 21.24 ? 2670 A   A "O5'" 1 
ATOM   548 C "C5'" . A   A 1 24 ? 0.570   15.172  -4.797  1.00 21.59 ? 2670 A   A "C5'" 1 
ATOM   549 C "C4'" . A   A 1 24 ? -0.247  15.082  -3.533  1.00 18.66 ? 2670 A   A "C4'" 1 
ATOM   550 O "O4'" . A   A 1 24 ? -0.526  13.712  -3.181  1.00 17.53 ? 2670 A   A "O4'" 1 
ATOM   551 C "C3'" . A   A 1 24 ? 0.437   15.605  -2.283  1.00 18.78 ? 2670 A   A "C3'" 1 
ATOM   552 O "O3'" . A   A 1 24 ? 0.444   17.025  -2.262  1.00 23.34 ? 2670 A   A "O3'" 1 
ATOM   553 C "C2'" . A   A 1 24 ? -0.413  14.968  -1.196  1.00 18.11 ? 2670 A   A "C2'" 1 
ATOM   554 O "O2'" . A   A 1 24 ? -1.691  15.533  -1.073  1.00 22.21 ? 2670 A   A "O2'" 1 
ATOM   555 C "C1'" . A   A 1 24 ? -0.524  13.557  -1.771  1.00 16.73 ? 2670 A   A "C1'" 1 
ATOM   556 N N9    . A   A 1 24 ? 0.590   12.696  -1.395  1.00 16.62 ? 2670 A   A N9    1 
ATOM   557 C C8    . A   A 1 24 ? 1.744   12.382  -2.083  1.00 19.42 ? 2670 A   A C8    1 
ATOM   558 N N7    . A   A 1 24 ? 2.569   11.568  -1.480  1.00 17.49 ? 2670 A   A N7    1 
ATOM   559 C C5    . A   A 1 24 ? 1.925   11.307  -0.289  1.00 17.26 ? 2670 A   A C5    1 
ATOM   560 C C6    . A   A 1 24 ? 2.268   10.506  0.823   1.00 20.75 ? 2670 A   A C6    1 
ATOM   561 N N6    . A   A 1 24 ? 3.386   9.776   0.945   1.00 18.10 ? 2670 A   A N6    1 
ATOM   562 N N1    . A   A 1 24 ? 1.400   10.470  1.845   1.00 15.51 ? 2670 A   A N1    1 
ATOM   563 C C2    . A   A 1 24 ? 0.275   11.170  1.784   1.00 15.16 ? 2670 A   A C2    1 
ATOM   564 N N3    . A   A 1 24 ? -0.158  11.966  0.779   1.00 16.16 ? 2670 A   A N3    1 
ATOM   565 C C4    . A   A 1 24 ? 0.716   11.988  -0.220  1.00 17.24 ? 2670 A   A C4    1 
ATOM   566 P P     . G   A 1 25 ? 1.377   17.887  -1.276  1.00 25.48 ? 2671 G   A P     1 
ATOM   567 O OP1   . G   A 1 25 ? 1.096   19.327  -1.480  1.00 28.65 ? 2671 G   A OP1   1 
ATOM   568 O OP2   . G   A 1 25 ? 2.773   17.403  -1.378  1.00 26.27 ? 2671 G   A OP2   1 
ATOM   569 O "O5'" . G   A 1 25 ? 0.765   17.450  0.112   1.00 27.56 ? 2671 G   A "O5'" 1 
ATOM   570 C "C5'" . G   A 1 25 ? 1.503   17.381  1.313   1.00 28.58 ? 2671 G   A "C5'" 1 
ATOM   571 C "C4'" . G   A 1 25 ? 0.496   16.887  2.334   1.00 26.32 ? 2671 G   A "C4'" 1 
ATOM   572 O "O4'" . G   A 1 25 ? 0.139   15.518  2.095   1.00 28.93 ? 2671 G   A "O4'" 1 
ATOM   573 C "C3'" . G   A 1 25 ? 1.148   17.064  3.685   1.00 24.46 ? 2671 G   A "C3'" 1 
ATOM   574 O "O3'" . G   A 1 25 ? 0.702   18.302  4.266   1.00 22.89 ? 2671 G   A "O3'" 1 
ATOM   575 C "C2'" . G   A 1 25 ? 0.705   15.816  4.375   1.00 24.38 ? 2671 G   A "C2'" 1 
ATOM   576 O "O2'" . G   A 1 25 ? -0.538  16.099  4.969   1.00 22.08 ? 2671 G   A "O2'" 1 
ATOM   577 C "C1'" . G   A 1 25 ? 0.602   14.801  3.245   1.00 23.29 ? 2671 G   A "C1'" 1 
ATOM   578 N N9    . G   A 1 25 ? 1.849   14.149  2.815   1.00 23.44 ? 2671 G   A N9    1 
ATOM   579 C C8    . G   A 1 25 ? 2.636   14.305  1.698   1.00 26.98 ? 2671 G   A C8    1 
ATOM   580 N N7    . G   A 1 25 ? 3.695   13.523  1.670   1.00 23.41 ? 2671 G   A N7    1 
ATOM   581 C C5    . G   A 1 25 ? 3.590   12.808  2.852   1.00 24.81 ? 2671 G   A C5    1 
ATOM   582 C C6    . G   A 1 25 ? 4.417   11.805  3.414   1.00 21.23 ? 2671 G   A C6    1 
ATOM   583 O O6    . G   A 1 25 ? 5.459   11.340  2.935   1.00 23.74 ? 2671 G   A O6    1 
ATOM   584 N N1    . G   A 1 25 ? 3.916   11.370  4.624   1.00 21.09 ? 2671 G   A N1    1 
ATOM   585 C C2    . G   A 1 25 ? 2.773   11.811  5.254   1.00 21.08 ? 2671 G   A C2    1 
ATOM   586 N N2    . G   A 1 25 ? 2.447   11.262  6.437   1.00 22.12 ? 2671 G   A N2    1 
ATOM   587 N N3    . G   A 1 25 ? 1.989   12.752  4.736   1.00 22.45 ? 2671 G   A N3    1 
ATOM   588 C C4    . G   A 1 25 ? 2.480   13.169  3.564   1.00 22.62 ? 2671 G   A C4    1 
ATOM   589 P P     . U   A 1 26 ? 1.898   19.217  4.858   1.00 21.00 ? 2672 U   A P     1 
ATOM   590 O OP1   . U   A 1 26 ? 1.264   20.446  5.406   1.00 24.03 ? 2672 U   A OP1   1 
ATOM   591 O OP2   . U   A 1 26 ? 2.944   19.281  3.826   1.00 24.17 ? 2672 U   A OP2   1 
ATOM   592 O "O5'" . U   A 1 26 ? 2.416   18.333  6.073   1.00 20.24 ? 2672 U   A "O5'" 1 
ATOM   593 C "C5'" . U   A 1 26 ? 1.578   17.997  7.190   1.00 23.25 ? 2672 U   A "C5'" 1 
ATOM   594 C "C4'" . U   A 1 26 ? 2.215   16.871  7.948   1.00 21.99 ? 2672 U   A "C4'" 1 
ATOM   595 O "O4'" . U   A 1 26 ? 2.332   15.651  7.178   1.00 21.02 ? 2672 U   A "O4'" 1 
ATOM   596 C "C3'" . U   A 1 26 ? 3.663   17.151  8.356   1.00 21.73 ? 2672 U   A "C3'" 1 
ATOM   597 O "O3'" . U   A 1 26 ? 3.727   18.086  9.435   1.00 23.08 ? 2672 U   A "O3'" 1 
ATOM   598 C "C2'" . U   A 1 26 ? 4.169   15.768  8.701   1.00 21.24 ? 2672 U   A "C2'" 1 
ATOM   599 O "O2'" . U   A 1 26 ? 3.654   15.321  9.943   1.00 22.11 ? 2672 U   A "O2'" 1 
ATOM   600 C "C1'" . U   A 1 26 ? 3.540   14.974  7.559   1.00 20.59 ? 2672 U   A "C1'" 1 
ATOM   601 N N1    . U   A 1 26 ? 4.393   14.858  6.366   1.00 16.88 ? 2672 U   A N1    1 
ATOM   602 C C2    . U   A 1 26 ? 5.332   13.846  6.361   1.00 19.54 ? 2672 U   A C2    1 
ATOM   603 O O2    . U   A 1 26 ? 5.431   13.104  7.307   1.00 23.63 ? 2672 U   A O2    1 
ATOM   604 N N3    . U   A 1 26 ? 6.150   13.704  5.257   1.00 20.26 ? 2672 U   A N3    1 
ATOM   605 C C4    . U   A 1 26 ? 6.067   14.542  4.150   1.00 17.37 ? 2672 U   A C4    1 
ATOM   606 O O4    . U   A 1 26 ? 6.827   14.340  3.231   1.00 21.02 ? 2672 U   A O4    1 
ATOM   607 C C5    . U   A 1 26 ? 5.058   15.589  4.213   1.00 15.87 ? 2672 U   A C5    1 
ATOM   608 C C6    . U   A 1 26 ? 4.285   15.700  5.286   1.00 16.32 ? 2672 U   A C6    1 
ATOM   609 P P     . G   A 1 27 ? 5.103   18.908  9.663   1.00 22.29 ? 2673 G   A P     1 
ATOM   610 O OP1   . G   A 1 27 ? 4.861   19.781  10.835  1.00 26.23 ? 2673 G   A OP1   1 
ATOM   611 O OP2   . G   A 1 27 ? 5.521   19.513  8.392   1.00 26.45 ? 2673 G   A OP2   1 
ATOM   612 O "O5'" . G   A 1 27 ? 6.159   17.786  10.061  1.00 22.10 ? 2673 G   A "O5'" 1 
ATOM   613 C "C5'" . G   A 1 27 ? 6.100   17.119  11.321  1.00 19.98 ? 2673 G   A "C5'" 1 
ATOM   614 C "C4'" . G   A 1 27 ? 7.230   16.142  11.441  1.00 19.97 ? 2673 G   A "C4'" 1 
ATOM   615 O "O4'" . G   A 1 27 ? 7.075   15.101  10.431  1.00 18.11 ? 2673 G   A "O4'" 1 
ATOM   616 C "C3'" . G   A 1 27 ? 8.648   16.617  11.150  1.00 16.91 ? 2673 G   A "C3'" 1 
ATOM   617 O "O3'" . G   A 1 27 ? 9.147   17.404  12.219  1.00 21.21 ? 2673 G   A "O3'" 1 
ATOM   618 C "C2'" . G   A 1 27 ? 9.351   15.296  10.978  1.00 21.88 ? 2673 G   A "C2'" 1 
ATOM   619 O "O2'" . G   A 1 27 ? 9.544   14.699  12.253  1.00 20.51 ? 2673 G   A "O2'" 1 
ATOM   620 C "C1'" . G   A 1 27 ? 8.317   14.500  10.203  1.00 17.29 ? 2673 G   A "C1'" 1 
ATOM   621 N N9    . G   A 1 27 ? 8.592   14.552  8.764   1.00 15.73 ? 2673 G   A N9    1 
ATOM   622 C C8    . G   A 1 27 ? 8.103   15.417  7.838   1.00 15.59 ? 2673 G   A C8    1 
ATOM   623 N N7    . G   A 1 27 ? 8.555   15.184  6.647   1.00 14.27 ? 2673 G   A N7    1 
ATOM   624 C C5    . G   A 1 27 ? 9.402   14.093  6.788   1.00 15.55 ? 2673 G   A C5    1 
ATOM   625 C C6    . G   A 1 27 ? 10.178  13.388  5.845   1.00 16.43 ? 2673 G   A C6    1 
ATOM   626 O O6    . G   A 1 27 ? 10.315  13.551  4.628   1.00 17.00 ? 2673 G   A O6    1 
ATOM   627 N N1    . G   A 1 27 ? 10.886  12.342  6.447   1.00 16.78 ? 2673 G   A N1    1 
ATOM   628 C C2    . G   A 1 27 ? 10.846  12.027  7.782   1.00 18.36 ? 2673 G   A C2    1 
ATOM   629 N N2    . G   A 1 27 ? 11.602  10.977  8.188   1.00 17.86 ? 2673 G   A N2    1 
ATOM   630 N N3    . G   A 1 27 ? 10.122  12.681  8.669   1.00 16.08 ? 2673 G   A N3    1 
ATOM   631 C C4    . G   A 1 27 ? 9.436   13.687  8.102   1.00 15.50 ? 2673 G   A C4    1 
HETATM 632 O O     . HOH B 2 .  ? 8.294   7.015   12.134  0.50 26.63 ? 2701 HOH A O     1 
HETATM 633 O O     . HOH B 2 .  ? 10.771  7.848   -7.686  1.00 30.61 ? 2702 HOH A O     1 
HETATM 634 O O     . HOH B 2 .  ? -9.753  -12.817 8.288   1.00 37.18 ? 2703 HOH A O     1 
HETATM 635 O O     . HOH B 2 .  ? 2.028   8.839   -11.743 0.50 27.17 ? 2704 HOH A O     1 
HETATM 636 O O     . HOH B 2 .  ? 20.354  12.981  2.089   1.00 25.73 ? 2705 HOH A O     1 
HETATM 637 O O     . HOH B 2 .  ? 10.642  12.819  11.140  1.00 37.37 ? 2706 HOH A O     1 
HETATM 638 O O     . HOH B 2 .  ? -4.934  -6.688  6.346   1.00 38.96 ? 2707 HOH A O     1 
HETATM 639 O O     . HOH B 2 .  ? 5.950   13.011  0.733   1.00 53.88 ? 2708 HOH A O     1 
HETATM 640 O O     . HOH B 2 .  ? 11.031  -0.497  -2.972  0.50 28.56 ? 2709 HOH A O     1 
HETATM 641 O O     . HOH B 2 .  ? -3.704  10.334  7.348   1.00 27.72 ? 2710 HOH A O     1 
HETATM 642 O O     . HOH B 2 .  ? -5.399  -12.995 -9.972  1.00 27.66 ? 2711 HOH A O     1 
HETATM 643 O O     . HOH B 2 .  ? 6.154   3.088   -11.995 1.00 25.56 ? 2712 HOH A O     1 
HETATM 644 O O     . HOH B 2 .  ? 8.973   4.745   3.971   1.00 29.42 ? 2713 HOH A O     1 
HETATM 645 O O     . HOH B 2 .  ? 9.401   9.504   2.942   1.00 34.91 ? 2714 HOH A O     1 
HETATM 646 O O     . HOH B 2 .  ? -4.342  1.870   -9.858  1.00 17.12 ? 2715 HOH A O     1 
HETATM 647 O O     . HOH B 2 .  ? 3.557   3.679   -11.609 1.00 26.48 ? 2716 HOH A O     1 
HETATM 648 O O     . HOH B 2 .  ? -7.547  -10.346 -9.140  1.00 18.14 ? 2717 HOH A O     1 
HETATM 649 O O     . HOH B 2 .  ? -9.158  -24.138 -5.961  1.00 35.67 ? 2718 HOH A O     1 
HETATM 650 O O     . HOH B 2 .  ? 5.700   1.103   -0.190  1.00 23.57 ? 2719 HOH A O     1 
HETATM 651 O O     . HOH B 2 .  ? -9.752  4.248   0.386   1.00 32.25 ? 2720 HOH A O     1 
HETATM 652 O O     . HOH B 2 .  ? -3.470  3.822   2.589   1.00 29.76 ? 2721 HOH A O     1 
HETATM 653 O O     . HOH B 2 .  ? -2.659  12.743  1.240   1.00 22.98 ? 2722 HOH A O     1 
HETATM 654 O O     . HOH B 2 .  ? 4.553   12.889  10.550  1.00 32.19 ? 2723 HOH A O     1 
HETATM 655 O O     . HOH B 2 .  ? -10.542 -9.288  -2.579  1.00 43.08 ? 2724 HOH A O     1 
HETATM 656 O O     . HOH B 2 .  ? 5.048   10.923  -2.322  1.00 41.26 ? 2725 HOH A O     1 
HETATM 657 O O     . HOH B 2 .  ? 0.976   21.349  7.933   1.00 35.27 ? 2726 HOH A O     1 
HETATM 658 O O     . HOH B 2 .  ? 5.095   6.139   1.766   1.00 23.59 ? 2727 HOH A O     1 
HETATM 659 O O     . HOH B 2 .  ? -5.258  -16.599 -9.306  1.00 19.91 ? 2728 HOH A O     1 
HETATM 660 O O     . HOH B 2 .  ? 8.539   12.079  2.636   1.00 24.90 ? 2729 HOH A O     1 
HETATM 661 O O     . HOH B 2 .  ? -7.448  -22.207 2.093   1.00 13.85 ? 2730 HOH A O     1 
HETATM 662 O O     . HOH B 2 .  ? -3.765  -14.818 -12.726 1.00 31.32 ? 2731 HOH A O     1 
HETATM 663 O O     . HOH B 2 .  ? -11.014 7.641   -4.701  1.00 24.76 ? 2732 HOH A O     1 
HETATM 664 O O     . HOH B 2 .  ? -9.914  -14.032 -1.263  1.00 16.41 ? 2733 HOH A O     1 
HETATM 665 O O     . HOH B 2 .  ? 12.392  10.479  5.133   1.00 19.48 ? 2734 HOH A O     1 
HETATM 666 O O     . HOH B 2 .  ? -12.245 -1.915  -5.055  1.00 23.42 ? 2735 HOH A O     1 
HETATM 667 O O     . HOH B 2 .  ? -4.079  -23.378 -7.490  1.00 26.73 ? 2736 HOH A O     1 
HETATM 668 O O     . HOH B 2 .  ? -7.350  -8.804  -12.486 1.00 30.96 ? 2737 HOH A O     1 
HETATM 669 O O     . HOH B 2 .  ? -10.136 -9.293  2.406   1.00 37.05 ? 2738 HOH A O     1 
HETATM 670 O O     . HOH B 2 .  ? -12.920 -15.039 0.789   1.00 47.43 ? 2739 HOH A O     1 
HETATM 671 O O     . HOH B 2 .  ? -8.453  -8.783  -5.747  1.00 19.06 ? 2740 HOH A O     1 
HETATM 672 O O     . HOH B 2 .  ? -8.705  -11.419 5.687   1.00 32.32 ? 2741 HOH A O     1 
HETATM 673 O O     . HOH B 2 .  ? 3.704   -6.701  -4.279  1.00 32.85 ? 2742 HOH A O     1 
HETATM 674 O O     . HOH B 2 .  ? 5.582   4.010   -2.782  1.00 21.24 ? 2743 HOH A O     1 
HETATM 675 O O     . HOH B 2 .  ? -8.626  9.790   -3.330  1.00 25.46 ? 2744 HOH A O     1 
HETATM 676 O O     . HOH B 2 .  ? -7.041  -1.723  0.256   1.00 25.53 ? 2745 HOH A O     1 
HETATM 677 O O     . HOH B 2 .  ? -9.370  -12.028 1.762   1.00 38.85 ? 2746 HOH A O     1 
HETATM 678 O O     . HOH B 2 .  ? -2.920  -16.676 7.029   1.00 14.19 ? 2747 HOH A O     1 
HETATM 679 O O     . HOH B 2 .  ? 0.993   3.032   -9.951  0.50 21.42 ? 2748 HOH A O     1 
HETATM 680 O O     . HOH B 2 .  ? -2.062  11.624  5.458   1.00 25.37 ? 2749 HOH A O     1 
HETATM 681 O O     . HOH B 2 .  ? 1.216   14.985  11.232  1.00 34.70 ? 2750 HOH A O     1 
HETATM 682 O O     . HOH B 2 .  ? -7.544  -12.712 -7.714  1.00 29.11 ? 2751 HOH A O     1 
HETATM 683 O O     . HOH B 2 .  ? 1.333   -8.806  -2.420  1.00 24.69 ? 2752 HOH A O     1 
HETATM 684 O O     . HOH B 2 .  ? -0.501  -21.395 2.386   1.00 18.09 ? 2753 HOH A O     1 
HETATM 685 O O     . HOH B 2 .  ? -3.855  1.584   1.376   1.00 23.25 ? 2754 HOH A O     1 
HETATM 686 O O     . HOH B 2 .  ? 3.753   -0.007  -11.567 1.00 32.26 ? 2755 HOH A O     1 
HETATM 687 O O     . HOH B 2 .  ? -1.983  -21.678 -9.694  1.00 44.93 ? 2756 HOH A O     1 
HETATM 688 O O     . HOH B 2 .  ? 0.901   1.962   -2.955  1.00 14.71 ? 2757 HOH A O     1 
HETATM 689 O O     . HOH B 2 .  ? -9.269  -11.195 -1.003  1.00 23.42 ? 2758 HOH A O     1 
HETATM 690 O O     . HOH B 2 .  ? 3.900   4.769   -0.771  1.00 26.27 ? 2759 HOH A O     1 
HETATM 691 O O     . HOH B 2 .  ? -1.466  0.328   -6.179  1.00 16.97 ? 2760 HOH A O     1 
HETATM 692 O O     . HOH B 2 .  ? -4.459  10.940  0.409   1.00 17.53 ? 2761 HOH A O     1 
HETATM 693 O O     . HOH B 2 .  ? -0.833  -17.162 -12.856 1.00 32.96 ? 2762 HOH A O     1 
HETATM 694 O O     . HOH B 2 .  ? 13.333  8.726   8.427   1.00 28.27 ? 2763 HOH A O     1 
HETATM 695 O O     . HOH B 2 .  ? 0.783   -12.979 -4.278  1.00 31.86 ? 2764 HOH A O     1 
HETATM 696 O O     . HOH B 2 .  ? -3.847  -2.474  3.862   1.00 31.38 ? 2765 HOH A O     1 
HETATM 697 O O     . HOH B 2 .  ? -0.001  -22.614 -1.392  1.00 28.03 ? 2766 HOH A O     1 
HETATM 698 O O     . HOH B 2 .  ? -7.224  -9.620  4.495   1.00 27.45 ? 2767 HOH A O     1 
HETATM 699 O O     . HOH B 2 .  ? 8.160   17.503  4.986   1.00 23.74 ? 2768 HOH A O     1 
HETATM 700 O O     . HOH B 2 .  ? -3.351  11.370  -2.453  1.00 15.40 ? 2769 HOH A O     1 
HETATM 701 O O     . HOH B 2 .  ? 2.290   2.537   -0.190  1.00 22.56 ? 2770 HOH A O     1 
HETATM 702 O O     . HOH B 2 .  ? 1.238   -0.093  8.646   0.50 34.35 ? 2771 HOH A O     1 
HETATM 703 O O     . HOH B 2 .  ? 5.937   7.261   -2.516  1.00 26.10 ? 2772 HOH A O     1 
HETATM 704 O O     . HOH B 2 .  ? 0.208   -14.097 -1.454  1.00 29.82 ? 2773 HOH A O     1 
HETATM 705 O O     . HOH B 2 .  ? -5.851  -10.127 8.367   1.00 30.71 ? 2774 HOH A O     1 
HETATM 706 O O     . HOH B 2 .  ? 12.479  4.270   -7.724  1.00 43.79 ? 2775 HOH A O     1 
HETATM 707 O O     . HOH B 2 .  ? -0.330  3.002   1.394   1.00 22.43 ? 2776 HOH A O     1 
HETATM 708 O O     . HOH B 2 .  ? -1.107  -20.305 -3.714  1.00 30.14 ? 2777 HOH A O     1 
HETATM 709 O O     . HOH B 2 .  ? -8.708  0.694   0.742   1.00 28.82 ? 2778 HOH A O     1 
HETATM 710 O O     . HOH B 2 .  ? 1.296   -4.824  -10.070 1.00 27.35 ? 2779 HOH A O     1 
HETATM 711 O O     . HOH B 2 .  ? -1.528  -3.106  -10.233 1.00 26.33 ? 2780 HOH A O     1 
HETATM 712 O O     . HOH B 2 .  ? 9.106   16.226  2.962   1.00 31.59 ? 2781 HOH A O     1 
HETATM 713 O O     . HOH B 2 .  ? 0.760   11.740  8.863   1.00 30.55 ? 2782 HOH A O     1 
HETATM 714 O O     . HOH B 2 .  ? -0.120  -12.972 1.357   1.00 33.60 ? 2783 HOH A O     1 
HETATM 715 O O     . HOH B 2 .  ? 8.289   4.758   -2.736  0.50 22.75 ? 2784 HOH A O     1 
HETATM 716 O O     . HOH B 2 .  ? -7.474  -15.739 -7.644  1.00 25.48 ? 2785 HOH A O     1 
HETATM 717 O O     . HOH B 2 .  ? -2.285  -25.666 1.341   1.00 28.07 ? 2786 HOH A O     1 
HETATM 718 O O     . HOH B 2 .  ? 9.861   -2.472  -2.928  1.00 39.74 ? 2787 HOH A O     1 
HETATM 719 O O     . HOH B 2 .  ? -0.484  3.468   -8.255  1.00 44.09 ? 2788 HOH A O     1 
HETATM 720 O O     . HOH B 2 .  ? -2.235  -13.068 -13.518 1.00 45.32 ? 2789 HOH A O     1 
HETATM 721 O O     . HOH B 2 .  ? 2.536   3.590   3.060   1.00 26.24 ? 2790 HOH A O     1 
HETATM 722 O O     . HOH B 2 .  ? -0.477  0.110   0.631   1.00 33.81 ? 2791 HOH A O     1 
HETATM 723 O O     . HOH B 2 .  ? -10.483 8.464   -1.761  1.00 27.31 ? 2792 HOH A O     1 
HETATM 724 O O     . HOH B 2 .  ? 10.541  2.782   -10.257 1.00 28.58 ? 2793 HOH A O     1 
HETATM 725 O O     . HOH B 2 .  ? 4.079   18.595  -4.002  0.50 28.38 ? 2794 HOH A O     1 
HETATM 726 O O     . HOH B 2 .  ? 0.402   -0.765  -11.053 1.00 39.29 ? 2795 HOH A O     1 
HETATM 727 O O     . HOH B 2 .  ? -1.585  21.159  3.737   1.00 49.94 ? 2796 HOH A O     1 
HETATM 728 O O     . HOH B 2 .  ? 3.848   15.005  -9.789  1.00 42.89 ? 2797 HOH A O     1 
HETATM 729 O O     . HOH B 2 .  ? -1.417  -26.422 -0.645  1.00 52.44 ? 2798 HOH A O     1 
HETATM 730 O O     . HOH B 2 .  ? -6.449  -1.824  2.903   1.00 31.19 ? 2799 HOH A O     1 
HETATM 731 O O     . HOH B 2 .  ? 6.665   9.047   -0.200  1.00 37.91 ? 2800 HOH A O     1 
HETATM 732 O O     . HOH B 2 .  ? 0.734   -11.065 0.131   0.50 21.63 ? 2801 HOH A O     1 
HETATM 733 O O     . HOH B 2 .  ? -11.737 -9.291  -7.789  1.00 41.12 ? 2802 HOH A O     1 
HETATM 734 O O     . HOH B 2 .  ? 5.513   23.468  11.182  1.00 46.96 ? 2803 HOH A O     1 
HETATM 735 O O     . HOH B 2 .  ? -8.396  6.597   6.708   0.50 24.43 ? 2804 HOH A O     1 
HETATM 736 O O     . HOH B 2 .  ? -5.619  -3.704  7.909   1.00 46.58 ? 2805 HOH A O     1 
HETATM 737 O O     . HOH B 2 .  ? 5.606   13.152  13.533  1.00 40.11 ? 2806 HOH A O     1 
HETATM 738 O O     . HOH B 2 .  ? -5.542  0.819   4.570   1.00 54.18 ? 2807 HOH A O     1 
HETATM 739 O O     . HOH B 2 .  ? -12.249 -15.188 -2.116  0.50 17.25 ? 2808 HOH A O     1 
HETATM 740 O O     . HOH B 2 .  ? -2.146  -0.358  2.877   1.00 36.24 ? 2809 HOH A O     1 
HETATM 741 O O     . HOH B 2 .  ? -10.169 -10.816 -13.131 0.50 24.42 ? 2810 HOH A O     1 
HETATM 742 O O     . HOH B 2 .  ? 5.896   4.012   1.310   1.00 36.13 ? 2811 HOH A O     1 
HETATM 743 O O     . HOH B 2 .  ? 5.075   16.900  -10.952 1.00 78.31 ? 2812 HOH A O     1 
HETATM 744 O O     . HOH B 2 .  ? 8.544   23.763  8.251   1.00 54.48 ? 2813 HOH A O     1 
# 
loop_
_pdbx_poly_seq_scheme.asym_id 
_pdbx_poly_seq_scheme.entity_id 
_pdbx_poly_seq_scheme.seq_id 
_pdbx_poly_seq_scheme.mon_id 
_pdbx_poly_seq_scheme.ndb_seq_num 
_pdbx_poly_seq_scheme.pdb_seq_num 
_pdbx_poly_seq_scheme.auth_seq_num 
_pdbx_poly_seq_scheme.pdb_mon_id 
_pdbx_poly_seq_scheme.auth_mon_id 
_pdbx_poly_seq_scheme.pdb_strand_id 
_pdbx_poly_seq_scheme.pdb_ins_code 
_pdbx_poly_seq_scheme.hetero 
A 1 1  U   1  2647 2647 U   URI A . n 
A 1 2  G   2  2648 2648 G   GUA A . n 
A 1 3  C   3  2649 2649 C   CYT A . n 
A 1 4  U   4  2650 2650 U   URI A . n 
A 1 5  C   5  2651 2651 C   CYT A . n 
A 1 6  C   6  2652 2652 C   CYT A . n 
A 1 7  U   7  2653 2653 U   URI A . n 
A 1 8  A   8  2654 2654 A   ADE A . n 
A 1 9  G   9  2655 2655 G   GUA A . n 
A 1 10 U   10 2656 2656 U   URI A . n 
A 1 11 A   11 2657 2657 A   ADE A . n 
A 1 12 C   12 2658 2658 C   CYT A . n 
A 1 13 G   13 2659 2659 G   GUA A . n 
A 1 14 A   14 2660 2660 A   ADE A . n 
A 1 15 G46 15 2661 2661 G46 GUY A . n 
A 1 16 A   16 2662 2662 A   ADE A . n 
A 1 17 G   17 2663 2663 G   GUA A . n 
A 1 18 G   18 2664 2664 G   GUA A . n 
A 1 19 A   19 2665 2665 A   ADE A . n 
A 1 20 C   20 2666 2666 C   CYT A . n 
A 1 21 C   21 2667 2667 C   CYT A . n 
A 1 22 G   22 2668 2668 G   GUA A . n 
A 1 23 G   23 2669 2669 G   GUA A . n 
A 1 24 A   24 2670 2670 A   ADE A . n 
A 1 25 G   25 2671 2671 G   GUA A . n 
A 1 26 U   26 2672 2672 U   URI A . n 
A 1 27 G   27 2673 2673 G   GUA A . n 
# 
loop_
_pdbx_nonpoly_scheme.asym_id 
_pdbx_nonpoly_scheme.entity_id 
_pdbx_nonpoly_scheme.mon_id 
_pdbx_nonpoly_scheme.ndb_seq_num 
_pdbx_nonpoly_scheme.pdb_seq_num 
_pdbx_nonpoly_scheme.auth_seq_num 
_pdbx_nonpoly_scheme.pdb_mon_id 
_pdbx_nonpoly_scheme.auth_mon_id 
_pdbx_nonpoly_scheme.pdb_strand_id 
_pdbx_nonpoly_scheme.pdb_ins_code 
B 2 HOH 1   2701 202 HOH HOH A . 
B 2 HOH 2   2702 184 HOH HOH A . 
B 2 HOH 3   2703 187 HOH HOH A . 
B 2 HOH 4   2704 171 HOH HOH A . 
B 2 HOH 5   2705 186 HOH HOH A . 
B 2 HOH 6   2706 183 HOH HOH A . 
B 2 HOH 7   2707 175 HOH HOH A . 
B 2 HOH 8   2708 200 HOH HOH A . 
B 2 HOH 9   2709 205 HOH HOH A . 
B 2 HOH 10  2710 118 HOH HOH A . 
B 2 HOH 11  2711 158 HOH HOH A . 
B 2 HOH 12  2712 156 HOH HOH A . 
B 2 HOH 13  2713 181 HOH HOH A . 
B 2 HOH 14  2714 210 HOH HOH A . 
B 2 HOH 15  2715 105 HOH HOH A . 
B 2 HOH 16  2716 160 HOH HOH A . 
B 2 HOH 17  2717 117 HOH HOH A . 
B 2 HOH 18  2718 169 HOH HOH A . 
B 2 HOH 19  2719 125 HOH HOH A . 
B 2 HOH 20  2720 154 HOH HOH A . 
B 2 HOH 21  2721 133 HOH HOH A . 
B 2 HOH 22  2722 145 HOH HOH A . 
B 2 HOH 23  2723 161 HOH HOH A . 
B 2 HOH 24  2724 157 HOH HOH A . 
B 2 HOH 25  2725 179 HOH HOH A . 
B 2 HOH 26  2726 201 HOH HOH A . 
B 2 HOH 27  2727 131 HOH HOH A . 
B 2 HOH 28  2728 121 HOH HOH A . 
B 2 HOH 29  2729 174 HOH HOH A . 
B 2 HOH 30  2730 110 HOH HOH A . 
B 2 HOH 31  2731 120 HOH HOH A . 
B 2 HOH 32  2732 136 HOH HOH A . 
B 2 HOH 33  2733 115 HOH HOH A . 
B 2 HOH 34  2734 163 HOH HOH A . 
B 2 HOH 35  2735 155 HOH HOH A . 
B 2 HOH 36  2736 140 HOH HOH A . 
B 2 HOH 37  2737 185 HOH HOH A . 
B 2 HOH 38  2738 147 HOH HOH A . 
B 2 HOH 39  2739 148 HOH HOH A . 
B 2 HOH 40  2740 113 HOH HOH A . 
B 2 HOH 41  2741 141 HOH HOH A . 
B 2 HOH 42  2742 150 HOH HOH A . 
B 2 HOH 43  2743 149 HOH HOH A . 
B 2 HOH 44  2744 109 HOH HOH A . 
B 2 HOH 45  2745 112 HOH HOH A . 
B 2 HOH 46  2746 211 HOH HOH A . 
B 2 HOH 47  2747 123 HOH HOH A . 
B 2 HOH 48  2748 178 HOH HOH A . 
B 2 HOH 49  2749 130 HOH HOH A . 
B 2 HOH 50  2750 180 HOH HOH A . 
B 2 HOH 51  2751 119 HOH HOH A . 
B 2 HOH 52  2752 151 HOH HOH A . 
B 2 HOH 53  2753 159 HOH HOH A . 
B 2 HOH 54  2754 134 HOH HOH A . 
B 2 HOH 55  2755 191 HOH HOH A . 
B 2 HOH 56  2756 204 HOH HOH A . 
B 2 HOH 57  2757 103 HOH HOH A . 
B 2 HOH 58  2758 114 HOH HOH A . 
B 2 HOH 59  2759 164 HOH HOH A . 
B 2 HOH 60  2760 104 HOH HOH A . 
B 2 HOH 61  2761 106 HOH HOH A . 
B 2 HOH 62  2762 176 HOH HOH A . 
B 2 HOH 63  2763 137 HOH HOH A . 
B 2 HOH 64  2764 132 HOH HOH A . 
B 2 HOH 65  2765 188 HOH HOH A . 
B 2 HOH 66  2766 167 HOH HOH A . 
B 2 HOH 67  2767 124 HOH HOH A . 
B 2 HOH 68  2768 116 HOH HOH A . 
B 2 HOH 69  2769 107 HOH HOH A . 
B 2 HOH 70  2770 102 HOH HOH A . 
B 2 HOH 71  2771 182 HOH HOH A . 
B 2 HOH 72  2772 128 HOH HOH A . 
B 2 HOH 73  2773 170 HOH HOH A . 
B 2 HOH 74  2774 108 HOH HOH A . 
B 2 HOH 75  2775 206 HOH HOH A . 
B 2 HOH 76  2776 101 HOH HOH A . 
B 2 HOH 77  2777 166 HOH HOH A . 
B 2 HOH 78  2778 111 HOH HOH A . 
B 2 HOH 79  2779 162 HOH HOH A . 
B 2 HOH 80  2780 129 HOH HOH A . 
B 2 HOH 81  2781 122 HOH HOH A . 
B 2 HOH 82  2782 173 HOH HOH A . 
B 2 HOH 83  2783 152 HOH HOH A . 
B 2 HOH 84  2784 177 HOH HOH A . 
B 2 HOH 85  2785 139 HOH HOH A . 
B 2 HOH 86  2786 193 HOH HOH A . 
B 2 HOH 87  2787 127 HOH HOH A . 
B 2 HOH 88  2788 165 HOH HOH A . 
B 2 HOH 89  2789 138 HOH HOH A . 
B 2 HOH 90  2790 144 HOH HOH A . 
B 2 HOH 91  2791 126 HOH HOH A . 
B 2 HOH 92  2792 135 HOH HOH A . 
B 2 HOH 93  2793 142 HOH HOH A . 
B 2 HOH 94  2794 207 HOH HOH A . 
B 2 HOH 95  2795 195 HOH HOH A . 
B 2 HOH 96  2796 208 HOH HOH A . 
B 2 HOH 97  2797 143 HOH HOH A . 
B 2 HOH 98  2798 194 HOH HOH A . 
B 2 HOH 99  2799 196 HOH HOH A . 
B 2 HOH 100 2800 198 HOH HOH A . 
B 2 HOH 101 2801 172 HOH HOH A . 
B 2 HOH 102 2802 146 HOH HOH A . 
B 2 HOH 103 2803 209 HOH HOH A . 
B 2 HOH 104 2804 203 HOH HOH A . 
B 2 HOH 105 2805 197 HOH HOH A . 
B 2 HOH 106 2806 212 HOH HOH A . 
B 2 HOH 107 2807 189 HOH HOH A . 
B 2 HOH 108 2808 168 HOH HOH A . 
B 2 HOH 109 2809 190 HOH HOH A . 
B 2 HOH 110 2810 213 HOH HOH A . 
B 2 HOH 111 2811 192 HOH HOH A . 
B 2 HOH 112 2812 199 HOH HOH A . 
B 2 HOH 113 2813 153 HOH HOH A . 
# 
_pdbx_struct_assembly.id                   1 
_pdbx_struct_assembly.details              author_and_software_defined_assembly 
_pdbx_struct_assembly.method_details       PISA 
_pdbx_struct_assembly.oligomeric_details   monomeric 
_pdbx_struct_assembly.oligomeric_count     1 
# 
_pdbx_struct_assembly_gen.assembly_id       1 
_pdbx_struct_assembly_gen.oper_expression   1 
_pdbx_struct_assembly_gen.asym_id_list      A,B 
# 
_pdbx_struct_oper_list.id                   1 
_pdbx_struct_oper_list.type                 'identity operation' 
_pdbx_struct_oper_list.name                 1_555 
_pdbx_struct_oper_list.symmetry_operation   x,y,z 
_pdbx_struct_oper_list.matrix[1][1]         1.0000000000 
_pdbx_struct_oper_list.matrix[1][2]         0.0000000000 
_pdbx_struct_oper_list.matrix[1][3]         0.0000000000 
_pdbx_struct_oper_list.vector[1]            0.0000000000 
_pdbx_struct_oper_list.matrix[2][1]         0.0000000000 
_pdbx_struct_oper_list.matrix[2][2]         1.0000000000 
_pdbx_struct_oper_list.matrix[2][3]         0.0000000000 
_pdbx_struct_oper_list.vector[2]            0.0000000000 
_pdbx_struct_oper_list.matrix[3][1]         0.0000000000 
_pdbx_struct_oper_list.matrix[3][2]         0.0000000000 
_pdbx_struct_oper_list.matrix[3][3]         1.0000000000 
_pdbx_struct_oper_list.vector[3]            0.0000000000 
# 
loop_
_pdbx_audit_revision_history.ordinal 
_pdbx_audit_revision_history.data_content_type 
_pdbx_audit_revision_history.major_revision 
_pdbx_audit_revision_history.minor_revision 
_pdbx_audit_revision_history.revision_date 
1 'Structure model' 1 0 2020-12-23 
2 'Structure model' 1 1 2023-10-18 
# 
_pdbx_audit_revision_details.ordinal             1 
_pdbx_audit_revision_details.revision_ordinal    1 
_pdbx_audit_revision_details.data_content_type   'Structure model' 
_pdbx_audit_revision_details.provider            repository 
_pdbx_audit_revision_details.type                'Initial release' 
_pdbx_audit_revision_details.description         ? 
_pdbx_audit_revision_details.details             ? 
# 
loop_
_pdbx_audit_revision_group.ordinal 
_pdbx_audit_revision_group.revision_ordinal 
_pdbx_audit_revision_group.data_content_type 
_pdbx_audit_revision_group.group 
1 2 'Structure model' 'Data collection'        
2 2 'Structure model' 'Database references'    
3 2 'Structure model' 'Refinement description' 
# 
loop_
_pdbx_audit_revision_category.ordinal 
_pdbx_audit_revision_category.revision_ordinal 
_pdbx_audit_revision_category.data_content_type 
_pdbx_audit_revision_category.category 
1 2 'Structure model' chem_comp_atom                
2 2 'Structure model' chem_comp_bond                
3 2 'Structure model' database_2                    
4 2 'Structure model' pdbx_initial_refinement_model 
# 
loop_
_pdbx_audit_revision_item.ordinal 
_pdbx_audit_revision_item.revision_ordinal 
_pdbx_audit_revision_item.data_content_type 
_pdbx_audit_revision_item.item 
1 2 'Structure model' '_database_2.pdbx_DOI'                
2 2 'Structure model' '_database_2.pdbx_database_accession' 
# 
loop_
_software.citation_id 
_software.classification 
_software.compiler_name 
_software.compiler_version 
_software.contact_author 
_software.contact_author_email 
_software.date 
_software.description 
_software.dependencies 
_software.hardware 
_software.language 
_software.location 
_software.mods 
_software.name 
_software.os 
_software.os_version 
_software.type 
_software.version 
_software.pdbx_ordinal 
? 'data scaling'    ? ? ? ? ? ? ? ? ? ? ? HKL-2000    ? ? ? .    1 
? refinement        ? ? ? ? ? ? ? ? ? ? ? SHELX       ? ? ? .    2 
? 'data extraction' ? ? ? ? ? ? ? ? ? ? ? PDB_EXTRACT ? ? ? 3.25 3 
? 'data reduction'  ? ? ? ? ? ? ? ? ? ? ? HKL-2000    ? ? ? .    4 
? phasing           ? ? ? ? ? ? ? ? ? ? ? MOLREP      ? ? ? .    5 
# 
_pdbx_entry_details.entry_id                 7JJD 
_pdbx_entry_details.has_ligand_of_interest   Y 
_pdbx_entry_details.compound_details         ? 
_pdbx_entry_details.source_details           ? 
_pdbx_entry_details.nonpolymer_details       ? 
_pdbx_entry_details.sequence_details         ? 
# 
loop_
_pdbx_validate_rmsd_angle.id 
_pdbx_validate_rmsd_angle.PDB_model_num 
_pdbx_validate_rmsd_angle.auth_atom_id_1 
_pdbx_validate_rmsd_angle.auth_asym_id_1 
_pdbx_validate_rmsd_angle.auth_comp_id_1 
_pdbx_validate_rmsd_angle.auth_seq_id_1 
_pdbx_validate_rmsd_angle.PDB_ins_code_1 
_pdbx_validate_rmsd_angle.label_alt_id_1 
_pdbx_validate_rmsd_angle.auth_atom_id_2 
_pdbx_validate_rmsd_angle.auth_asym_id_2 
_pdbx_validate_rmsd_angle.auth_comp_id_2 
_pdbx_validate_rmsd_angle.auth_seq_id_2 
_pdbx_validate_rmsd_angle.PDB_ins_code_2 
_pdbx_validate_rmsd_angle.label_alt_id_2 
_pdbx_validate_rmsd_angle.auth_atom_id_3 
_pdbx_validate_rmsd_angle.auth_asym_id_3 
_pdbx_validate_rmsd_angle.auth_comp_id_3 
_pdbx_validate_rmsd_angle.auth_seq_id_3 
_pdbx_validate_rmsd_angle.PDB_ins_code_3 
_pdbx_validate_rmsd_angle.label_alt_id_3 
_pdbx_validate_rmsd_angle.angle_value 
_pdbx_validate_rmsd_angle.angle_target_value 
_pdbx_validate_rmsd_angle.angle_deviation 
_pdbx_validate_rmsd_angle.angle_standard_deviation 
_pdbx_validate_rmsd_angle.linker_flag 
1  1 C6    A U 2647 ? ? N1    A U 2647 ? ? C2    A U 2647 ? ? 125.15 121.00 4.15  0.60 N 
2  1 "O4'" A G 2648 ? A "C1'" A G 2648 ? A N9    A G 2648 ? A 112.88 108.50 4.38  0.70 N 
3  1 "O5'" A U 2650 ? A "C5'" A U 2650 ? A "C4'" A U 2650 ? A 104.52 109.40 -4.88 0.80 N 
4  1 "C5'" A U 2650 ? B "C4'" A U 2650 ? B "O4'" A U 2650 ? ? 116.05 109.80 6.25  0.90 N 
5  1 N1    A U 2650 ? ? C2    A U 2650 ? ? O2    A U 2650 ? ? 118.09 122.80 -4.71 0.70 N 
6  1 "C5'" A G 2655 ? ? "C4'" A G 2655 ? ? "O4'" A G 2655 ? ? 117.63 109.80 7.83  0.90 N 
7  1 "C3'" A G 2655 ? ? "C2'" A G 2655 ? ? "C1'" A G 2655 ? ? 96.10  101.30 -5.20 0.70 N 
8  1 C4    A U 2656 ? ? C5    A U 2656 ? ? C6    A U 2656 ? ? 115.54 119.70 -4.16 0.60 N 
9  1 C5    A U 2656 ? ? C6    A U 2656 ? ? N1    A U 2656 ? ? 126.93 122.70 4.23  0.50 N 
10 1 C4    A C 2658 ? ? C5    A C 2658 ? ? C6    A C 2658 ? ? 114.28 117.40 -3.12 0.50 N 
11 1 C5    A C 2658 ? ? C6    A C 2658 ? ? N1    A C 2658 ? ? 124.19 121.00 3.19  0.50 N 
12 1 N9    A G 2659 ? ? "C1'" A G 2659 ? ? "C2'" A G 2659 ? ? 104.55 112.00 -7.45 1.10 N 
13 1 "O4'" A G 2659 ? ? "C1'" A G 2659 ? ? N9    A G 2659 ? ? 114.84 108.50 6.34  0.70 N 
14 1 N1    A A 2662 ? ? C2    A A 2662 ? ? N3    A A 2662 ? ? 125.66 129.30 -3.64 0.50 N 
15 1 C4    A A 2662 ? ? C5    A A 2662 ? ? N7    A A 2662 ? ? 113.76 110.70 3.06  0.50 N 
16 1 N1    A A 2662 ? ? C6    A A 2662 ? ? N6    A A 2662 ? ? 123.47 118.60 4.87  0.60 N 
17 1 "O4'" A G 2663 ? ? "C1'" A G 2663 ? ? N9    A G 2663 ? ? 114.72 108.50 6.22  0.70 N 
18 1 C2    A G 2664 ? ? N3    A G 2664 ? ? C4    A G 2664 ? ? 115.16 111.90 3.26  0.50 N 
19 1 C5    A G 2664 ? ? C6    A G 2664 ? ? N1    A G 2664 ? ? 114.75 111.50 3.25  0.50 N 
20 1 C2    A C 2666 ? ? N3    A C 2666 ? ? C4    A C 2666 ? ? 116.90 119.90 -3.00 0.50 N 
21 1 N1    A C 2666 ? ? C2    A C 2666 ? ? O2    A C 2666 ? ? 114.65 118.90 -4.25 0.60 N 
22 1 C6    A G 2669 ? ? N1    A G 2669 ? ? C2    A G 2669 ? ? 120.60 125.10 -4.50 0.60 N 
23 1 C5    A G 2669 ? ? C6    A G 2669 ? ? N1    A G 2669 ? ? 115.09 111.50 3.59  0.50 N 
24 1 "O5'" A G 2671 ? ? "C5'" A G 2671 ? ? "C4'" A G 2671 ? ? 103.94 109.40 -5.46 0.80 N 
25 1 "O4'" A G 2671 ? ? "C4'" A G 2671 ? ? "C3'" A G 2671 ? ? 111.61 106.10 5.51  0.80 N 
26 1 "C5'" A G 2671 ? ? "C4'" A G 2671 ? ? "C3'" A G 2671 ? ? 106.09 115.20 -9.11 1.40 N 
27 1 "C1'" A G 2671 ? ? "O4'" A G 2671 ? ? "C4'" A G 2671 ? ? 105.26 109.70 -4.44 0.70 N 
28 1 N3    A G 2671 ? ? C4    A G 2671 ? ? C5    A G 2671 ? ? 132.20 128.60 3.60  0.50 N 
29 1 N3    A G 2671 ? ? C4    A G 2671 ? ? N9    A G 2671 ? ? 121.80 126.00 -4.20 0.60 N 
30 1 N1    A U 2672 ? ? C2    A U 2672 ? ? N3    A U 2672 ? ? 118.74 114.90 3.84  0.60 N 
31 1 C2    A U 2672 ? ? N3    A U 2672 ? ? C4    A U 2672 ? ? 122.60 127.00 -4.40 0.60 N 
# 
loop_
_chem_comp_atom.comp_id 
_chem_comp_atom.atom_id 
_chem_comp_atom.type_symbol 
_chem_comp_atom.pdbx_aromatic_flag 
_chem_comp_atom.pdbx_stereo_config 
_chem_comp_atom.pdbx_ordinal 
A   OP3    O N N 1   
A   P      P N N 2   
A   OP1    O N N 3   
A   OP2    O N N 4   
A   "O5'"  O N N 5   
A   "C5'"  C N N 6   
A   "C4'"  C N R 7   
A   "O4'"  O N N 8   
A   "C3'"  C N S 9   
A   "O3'"  O N N 10  
A   "C2'"  C N R 11  
A   "O2'"  O N N 12  
A   "C1'"  C N R 13  
A   N9     N Y N 14  
A   C8     C Y N 15  
A   N7     N Y N 16  
A   C5     C Y N 17  
A   C6     C Y N 18  
A   N6     N N N 19  
A   N1     N Y N 20  
A   C2     C Y N 21  
A   N3     N Y N 22  
A   C4     C Y N 23  
A   HOP3   H N N 24  
A   HOP2   H N N 25  
A   "H5'"  H N N 26  
A   "H5''" H N N 27  
A   "H4'"  H N N 28  
A   "H3'"  H N N 29  
A   "HO3'" H N N 30  
A   "H2'"  H N N 31  
A   "HO2'" H N N 32  
A   "H1'"  H N N 33  
A   H8     H N N 34  
A   H61    H N N 35  
A   H62    H N N 36  
A   H2     H N N 37  
C   OP3    O N N 38  
C   P      P N N 39  
C   OP1    O N N 40  
C   OP2    O N N 41  
C   "O5'"  O N N 42  
C   "C5'"  C N N 43  
C   "C4'"  C N R 44  
C   "O4'"  O N N 45  
C   "C3'"  C N S 46  
C   "O3'"  O N N 47  
C   "C2'"  C N R 48  
C   "O2'"  O N N 49  
C   "C1'"  C N R 50  
C   N1     N N N 51  
C   C2     C N N 52  
C   O2     O N N 53  
C   N3     N N N 54  
C   C4     C N N 55  
C   N4     N N N 56  
C   C5     C N N 57  
C   C6     C N N 58  
C   HOP3   H N N 59  
C   HOP2   H N N 60  
C   "H5'"  H N N 61  
C   "H5''" H N N 62  
C   "H4'"  H N N 63  
C   "H3'"  H N N 64  
C   "HO3'" H N N 65  
C   "H2'"  H N N 66  
C   "HO2'" H N N 67  
C   "H1'"  H N N 68  
C   H41    H N N 69  
C   H42    H N N 70  
C   H5     H N N 71  
C   H6     H N N 72  
G   OP3    O N N 73  
G   P      P N N 74  
G   OP1    O N N 75  
G   OP2    O N N 76  
G   "O5'"  O N N 77  
G   "C5'"  C N N 78  
G   "C4'"  C N R 79  
G   "O4'"  O N N 80  
G   "C3'"  C N S 81  
G   "O3'"  O N N 82  
G   "C2'"  C N R 83  
G   "O2'"  O N N 84  
G   "C1'"  C N R 85  
G   N9     N Y N 86  
G   C8     C Y N 87  
G   N7     N Y N 88  
G   C5     C Y N 89  
G   C6     C N N 90  
G   O6     O N N 91  
G   N1     N N N 92  
G   C2     C N N 93  
G   N2     N N N 94  
G   N3     N N N 95  
G   C4     C Y N 96  
G   HOP3   H N N 97  
G   HOP2   H N N 98  
G   "H5'"  H N N 99  
G   "H5''" H N N 100 
G   "H4'"  H N N 101 
G   "H3'"  H N N 102 
G   "HO3'" H N N 103 
G   "H2'"  H N N 104 
G   "HO2'" H N N 105 
G   "H1'"  H N N 106 
G   H8     H N N 107 
G   H1     H N N 108 
G   H21    H N N 109 
G   H22    H N N 110 
G46 P      P N N 111 
G46 O1P    O N N 112 
G46 S2P    S N N 113 
G46 O3P    O N N 114 
G46 "O5'"  O N N 115 
G46 "C5'"  C N N 116 
G46 "C4'"  C N R 117 
G46 "O4'"  O N N 118 
G46 "C3'"  C N S 119 
G46 "O3'"  O N N 120 
G46 "C2'"  C N R 121 
G46 "C1'"  C N R 122 
G46 "O2'"  O N N 123 
G46 N9     N Y N 124 
G46 C8     C Y N 125 
G46 N7     N Y N 126 
G46 C5     C Y N 127 
G46 C6     C N N 128 
G46 O6     O N N 129 
G46 N1     N N N 130 
G46 C2     C N N 131 
G46 N2     N N N 132 
G46 N3     N N N 133 
G46 C4     C Y N 134 
G46 H1P    H N N 135 
G46 HS     H N N 136 
G46 "H5'1" H N N 137 
G46 "H5'2" H N N 138 
G46 "H4'"  H N N 139 
G46 "H3'"  H N N 140 
G46 HA     H N N 141 
G46 "H2'"  H N N 142 
G46 "H1'"  H N N 143 
G46 HB     H N N 144 
G46 H8     H N N 145 
G46 H1     H N N 146 
G46 H2N1   H N N 147 
G46 H2N2   H N N 148 
HOH O      O N N 149 
HOH H1     H N N 150 
HOH H2     H N N 151 
U   OP3    O N N 152 
U   P      P N N 153 
U   OP1    O N N 154 
U   OP2    O N N 155 
U   "O5'"  O N N 156 
U   "C5'"  C N N 157 
U   "C4'"  C N R 158 
U   "O4'"  O N N 159 
U   "C3'"  C N S 160 
U   "O3'"  O N N 161 
U   "C2'"  C N R 162 
U   "O2'"  O N N 163 
U   "C1'"  C N R 164 
U   N1     N N N 165 
U   C2     C N N 166 
U   O2     O N N 167 
U   N3     N N N 168 
U   C4     C N N 169 
U   O4     O N N 170 
U   C5     C N N 171 
U   C6     C N N 172 
U   HOP3   H N N 173 
U   HOP2   H N N 174 
U   "H5'"  H N N 175 
U   "H5''" H N N 176 
U   "H4'"  H N N 177 
U   "H3'"  H N N 178 
U   "HO3'" H N N 179 
U   "H2'"  H N N 180 
U   "HO2'" H N N 181 
U   "H1'"  H N N 182 
U   H3     H N N 183 
U   H5     H N N 184 
U   H6     H N N 185 
# 
loop_
_chem_comp_bond.comp_id 
_chem_comp_bond.atom_id_1 
_chem_comp_bond.atom_id_2 
_chem_comp_bond.value_order 
_chem_comp_bond.pdbx_aromatic_flag 
_chem_comp_bond.pdbx_stereo_config 
_chem_comp_bond.pdbx_ordinal 
A   OP3   P      sing N N 1   
A   OP3   HOP3   sing N N 2   
A   P     OP1    doub N N 3   
A   P     OP2    sing N N 4   
A   P     "O5'"  sing N N 5   
A   OP2   HOP2   sing N N 6   
A   "O5'" "C5'"  sing N N 7   
A   "C5'" "C4'"  sing N N 8   
A   "C5'" "H5'"  sing N N 9   
A   "C5'" "H5''" sing N N 10  
A   "C4'" "O4'"  sing N N 11  
A   "C4'" "C3'"  sing N N 12  
A   "C4'" "H4'"  sing N N 13  
A   "O4'" "C1'"  sing N N 14  
A   "C3'" "O3'"  sing N N 15  
A   "C3'" "C2'"  sing N N 16  
A   "C3'" "H3'"  sing N N 17  
A   "O3'" "HO3'" sing N N 18  
A   "C2'" "O2'"  sing N N 19  
A   "C2'" "C1'"  sing N N 20  
A   "C2'" "H2'"  sing N N 21  
A   "O2'" "HO2'" sing N N 22  
A   "C1'" N9     sing N N 23  
A   "C1'" "H1'"  sing N N 24  
A   N9    C8     sing Y N 25  
A   N9    C4     sing Y N 26  
A   C8    N7     doub Y N 27  
A   C8    H8     sing N N 28  
A   N7    C5     sing Y N 29  
A   C5    C6     sing Y N 30  
A   C5    C4     doub Y N 31  
A   C6    N6     sing N N 32  
A   C6    N1     doub Y N 33  
A   N6    H61    sing N N 34  
A   N6    H62    sing N N 35  
A   N1    C2     sing Y N 36  
A   C2    N3     doub Y N 37  
A   C2    H2     sing N N 38  
A   N3    C4     sing Y N 39  
C   OP3   P      sing N N 40  
C   OP3   HOP3   sing N N 41  
C   P     OP1    doub N N 42  
C   P     OP2    sing N N 43  
C   P     "O5'"  sing N N 44  
C   OP2   HOP2   sing N N 45  
C   "O5'" "C5'"  sing N N 46  
C   "C5'" "C4'"  sing N N 47  
C   "C5'" "H5'"  sing N N 48  
C   "C5'" "H5''" sing N N 49  
C   "C4'" "O4'"  sing N N 50  
C   "C4'" "C3'"  sing N N 51  
C   "C4'" "H4'"  sing N N 52  
C   "O4'" "C1'"  sing N N 53  
C   "C3'" "O3'"  sing N N 54  
C   "C3'" "C2'"  sing N N 55  
C   "C3'" "H3'"  sing N N 56  
C   "O3'" "HO3'" sing N N 57  
C   "C2'" "O2'"  sing N N 58  
C   "C2'" "C1'"  sing N N 59  
C   "C2'" "H2'"  sing N N 60  
C   "O2'" "HO2'" sing N N 61  
C   "C1'" N1     sing N N 62  
C   "C1'" "H1'"  sing N N 63  
C   N1    C2     sing N N 64  
C   N1    C6     sing N N 65  
C   C2    O2     doub N N 66  
C   C2    N3     sing N N 67  
C   N3    C4     doub N N 68  
C   C4    N4     sing N N 69  
C   C4    C5     sing N N 70  
C   N4    H41    sing N N 71  
C   N4    H42    sing N N 72  
C   C5    C6     doub N N 73  
C   C5    H5     sing N N 74  
C   C6    H6     sing N N 75  
G   OP3   P      sing N N 76  
G   OP3   HOP3   sing N N 77  
G   P     OP1    doub N N 78  
G   P     OP2    sing N N 79  
G   P     "O5'"  sing N N 80  
G   OP2   HOP2   sing N N 81  
G   "O5'" "C5'"  sing N N 82  
G   "C5'" "C4'"  sing N N 83  
G   "C5'" "H5'"  sing N N 84  
G   "C5'" "H5''" sing N N 85  
G   "C4'" "O4'"  sing N N 86  
G   "C4'" "C3'"  sing N N 87  
G   "C4'" "H4'"  sing N N 88  
G   "O4'" "C1'"  sing N N 89  
G   "C3'" "O3'"  sing N N 90  
G   "C3'" "C2'"  sing N N 91  
G   "C3'" "H3'"  sing N N 92  
G   "O3'" "HO3'" sing N N 93  
G   "C2'" "O2'"  sing N N 94  
G   "C2'" "C1'"  sing N N 95  
G   "C2'" "H2'"  sing N N 96  
G   "O2'" "HO2'" sing N N 97  
G   "C1'" N9     sing N N 98  
G   "C1'" "H1'"  sing N N 99  
G   N9    C8     sing Y N 100 
G   N9    C4     sing Y N 101 
G   C8    N7     doub Y N 102 
G   C8    H8     sing N N 103 
G   N7    C5     sing Y N 104 
G   C5    C6     sing N N 105 
G   C5    C4     doub Y N 106 
G   C6    O6     doub N N 107 
G   C6    N1     sing N N 108 
G   N1    C2     sing N N 109 
G   N1    H1     sing N N 110 
G   C2    N2     sing N N 111 
G   C2    N3     doub N N 112 
G   N2    H21    sing N N 113 
G   N2    H22    sing N N 114 
G   N3    C4     sing N N 115 
G46 P     O1P    sing N N 116 
G46 P     S2P    sing N N 117 
G46 P     O3P    doub N N 118 
G46 P     "O5'"  sing N N 119 
G46 O1P   H1P    sing N N 120 
G46 S2P   HS     sing N N 121 
G46 "O5'" "C5'"  sing N N 122 
G46 "C5'" "C4'"  sing N N 123 
G46 "C5'" "H5'1" sing N N 124 
G46 "C5'" "H5'2" sing N N 125 
G46 "C4'" "O4'"  sing N N 126 
G46 "C4'" "C3'"  sing N N 127 
G46 "C4'" "H4'"  sing N N 128 
G46 "O4'" "C1'"  sing N N 129 
G46 "C3'" "O3'"  sing N N 130 
G46 "C3'" "C2'"  sing N N 131 
G46 "C3'" "H3'"  sing N N 132 
G46 "O3'" HA     sing N N 133 
G46 "C2'" "C1'"  sing N N 134 
G46 "C2'" "O2'"  sing N N 135 
G46 "C2'" "H2'"  sing N N 136 
G46 "C1'" N9     sing N N 137 
G46 "C1'" "H1'"  sing N N 138 
G46 "O2'" HB     sing N N 139 
G46 N9    C8     sing Y N 140 
G46 N9    C4     sing Y N 141 
G46 C8    N7     doub Y N 142 
G46 C8    H8     sing N N 143 
G46 N7    C5     sing Y N 144 
G46 C5    C6     sing N N 145 
G46 C5    C4     doub Y N 146 
G46 C6    O6     doub N N 147 
G46 C6    N1     sing N N 148 
G46 N1    C2     sing N N 149 
G46 N1    H1     sing N N 150 
G46 C2    N2     sing N N 151 
G46 C2    N3     doub N N 152 
G46 N2    H2N1   sing N N 153 
G46 N2    H2N2   sing N N 154 
G46 N3    C4     sing N N 155 
HOH O     H1     sing N N 156 
HOH O     H2     sing N N 157 
U   OP3   P      sing N N 158 
U   OP3   HOP3   sing N N 159 
U   P     OP1    doub N N 160 
U   P     OP2    sing N N 161 
U   P     "O5'"  sing N N 162 
U   OP2   HOP2   sing N N 163 
U   "O5'" "C5'"  sing N N 164 
U   "C5'" "C4'"  sing N N 165 
U   "C5'" "H5'"  sing N N 166 
U   "C5'" "H5''" sing N N 167 
U   "C4'" "O4'"  sing N N 168 
U   "C4'" "C3'"  sing N N 169 
U   "C4'" "H4'"  sing N N 170 
U   "O4'" "C1'"  sing N N 171 
U   "C3'" "O3'"  sing N N 172 
U   "C3'" "C2'"  sing N N 173 
U   "C3'" "H3'"  sing N N 174 
U   "O3'" "HO3'" sing N N 175 
U   "C2'" "O2'"  sing N N 176 
U   "C2'" "C1'"  sing N N 177 
U   "C2'" "H2'"  sing N N 178 
U   "O2'" "HO2'" sing N N 179 
U   "C1'" N1     sing N N 180 
U   "C1'" "H1'"  sing N N 181 
U   N1    C2     sing N N 182 
U   N1    C6     sing N N 183 
U   C2    O2     doub N N 184 
U   C2    N3     sing N N 185 
U   N3    C4     sing N N 186 
U   N3    H3     sing N N 187 
U   C4    O4     doub N N 188 
U   C4    C5     sing N N 189 
U   C5    C6     doub N N 190 
U   C5    H5     sing N N 191 
U   C6    H6     sing N N 192 
# 
loop_
_ndb_struct_conf_na.entry_id 
_ndb_struct_conf_na.feature 
7JJD 'double helix'         
7JJD 'a-form double helix'  
7JJD 'hairpin loop'         
7JJD 'mismatched base pair' 
7JJD 'internal loop'        
# 
loop_
_ndb_struct_na_base_pair.model_number 
_ndb_struct_na_base_pair.i_label_asym_id 
_ndb_struct_na_base_pair.i_label_comp_id 
_ndb_struct_na_base_pair.i_label_seq_id 
_ndb_struct_na_base_pair.i_symmetry 
_ndb_struct_na_base_pair.j_label_asym_id 
_ndb_struct_na_base_pair.j_label_comp_id 
_ndb_struct_na_base_pair.j_label_seq_id 
_ndb_struct_na_base_pair.j_symmetry 
_ndb_struct_na_base_pair.shear 
_ndb_struct_na_base_pair.stretch 
_ndb_struct_na_base_pair.stagger 
_ndb_struct_na_base_pair.buckle 
_ndb_struct_na_base_pair.propeller 
_ndb_struct_na_base_pair.opening 
_ndb_struct_na_base_pair.pair_number 
_ndb_struct_na_base_pair.pair_name 
_ndb_struct_na_base_pair.i_auth_asym_id 
_ndb_struct_na_base_pair.i_auth_seq_id 
_ndb_struct_na_base_pair.i_PDB_ins_code 
_ndb_struct_na_base_pair.j_auth_asym_id 
_ndb_struct_na_base_pair.j_auth_seq_id 
_ndb_struct_na_base_pair.j_PDB_ins_code 
_ndb_struct_na_base_pair.hbond_type_28 
_ndb_struct_na_base_pair.hbond_type_12 
1 A G 2  1_555 A U 26 1_555 -2.175 -0.335 0.248  3.723  -9.240  0.606    1  A_G2648:U2672_A A 2648 ? A 2672 ? 28 1 
1 A C 3  1_555 A G 25 1_555 0.236  -0.269 0.179  8.214  -19.424 -2.297   2  A_C2649:G2671_A A 2649 ? A 2671 ? 19 1 
1 A U 4  1_555 A A 24 1_555 -0.121 -0.001 -0.024 7.279  -12.949 -1.410   3  A_U2650:A2670_A A 2650 ? A 2670 ? 20 1 
1 A C 5  1_555 A G 23 1_555 0.179  -0.152 0.072  5.723  -17.830 1.024    4  A_C2651:G2669_A A 2651 ? A 2669 ? 19 1 
1 A C 6  1_555 A G 22 1_555 0.296  -0.123 0.088  -4.675 -11.005 -2.501   5  A_C2652:G2668_A A 2652 ? A 2668 ? 19 1 
1 A U 7  1_555 A C 21 1_555 5.837  -2.187 -0.223 -3.286 -13.113 -13.385  6  A_U2653:C2667_A A 2653 ? A 2667 ? ?  ? 
1 A U 10 1_555 A A 19 1_555 4.044  -1.754 -0.807 6.649  -20.294 -103.032 7  A_U2656:A2665_A A 2656 ? A 2665 ? 24 4 
1 A A 11 1_555 A G 18 1_555 -6.818 -4.370 -0.107 -1.423 5.325   -2.383   8  A_A2657:G2664_A A 2657 ? A 2664 ? 11 9 
1 A C 12 1_555 A G 17 1_555 0.120  -0.098 -0.231 8.058  -1.216  0.438    9  A_C2658:G2663_A A 2658 ? A 2663 ? 19 1 
1 A G 13 1_555 A A 16 1_555 7.267  -5.323 0.786  18.950 -3.667  -20.042  10 A_G2659:A2662_A A 2659 ? A 2662 ? ?  ? 
# 
loop_
_ndb_struct_na_base_pair_step.model_number 
_ndb_struct_na_base_pair_step.i_label_asym_id_1 
_ndb_struct_na_base_pair_step.i_label_comp_id_1 
_ndb_struct_na_base_pair_step.i_label_seq_id_1 
_ndb_struct_na_base_pair_step.i_symmetry_1 
_ndb_struct_na_base_pair_step.j_label_asym_id_1 
_ndb_struct_na_base_pair_step.j_label_comp_id_1 
_ndb_struct_na_base_pair_step.j_label_seq_id_1 
_ndb_struct_na_base_pair_step.j_symmetry_1 
_ndb_struct_na_base_pair_step.i_label_asym_id_2 
_ndb_struct_na_base_pair_step.i_label_comp_id_2 
_ndb_struct_na_base_pair_step.i_label_seq_id_2 
_ndb_struct_na_base_pair_step.i_symmetry_2 
_ndb_struct_na_base_pair_step.j_label_asym_id_2 
_ndb_struct_na_base_pair_step.j_label_comp_id_2 
_ndb_struct_na_base_pair_step.j_label_seq_id_2 
_ndb_struct_na_base_pair_step.j_symmetry_2 
_ndb_struct_na_base_pair_step.shift 
_ndb_struct_na_base_pair_step.slide 
_ndb_struct_na_base_pair_step.rise 
_ndb_struct_na_base_pair_step.tilt 
_ndb_struct_na_base_pair_step.roll 
_ndb_struct_na_base_pair_step.twist 
_ndb_struct_na_base_pair_step.x_displacement 
_ndb_struct_na_base_pair_step.y_displacement 
_ndb_struct_na_base_pair_step.helical_rise 
_ndb_struct_na_base_pair_step.inclination 
_ndb_struct_na_base_pair_step.tip 
_ndb_struct_na_base_pair_step.helical_twist 
_ndb_struct_na_base_pair_step.step_number 
_ndb_struct_na_base_pair_step.step_name 
_ndb_struct_na_base_pair_step.i_auth_asym_id_1 
_ndb_struct_na_base_pair_step.i_auth_seq_id_1 
_ndb_struct_na_base_pair_step.i_PDB_ins_code_1 
_ndb_struct_na_base_pair_step.j_auth_asym_id_1 
_ndb_struct_na_base_pair_step.j_auth_seq_id_1 
_ndb_struct_na_base_pair_step.j_PDB_ins_code_1 
_ndb_struct_na_base_pair_step.i_auth_asym_id_2 
_ndb_struct_na_base_pair_step.i_auth_seq_id_2 
_ndb_struct_na_base_pair_step.i_PDB_ins_code_2 
_ndb_struct_na_base_pair_step.j_auth_asym_id_2 
_ndb_struct_na_base_pair_step.j_auth_seq_id_2 
_ndb_struct_na_base_pair_step.j_PDB_ins_code_2 
1 A G 2  1_555 A U 26 1_555 A C 3  1_555 A G 25 1_555 -0.006 -1.151 3.104 -0.494 3.381  41.346  -1.961 -0.041 3.004 4.779  0.699   
41.481  1 AA_G2648C2649:G2671U2672_AA A 2648 ? A 2672 ? A 2649 ? A 2671 ? 
1 A C 3  1_555 A G 25 1_555 A U 4  1_555 A A 24 1_555 -0.476 -1.615 3.156 -2.390 7.924  29.324  -4.514 0.473  2.668 15.274 4.606   
30.445  2 AA_C2649U2650:A2670G2671_AA A 2649 ? A 2671 ? A 2650 ? A 2670 ? 
1 A U 4  1_555 A A 24 1_555 A C 5  1_555 A G 23 1_555 0.578  -1.393 3.179 -0.907 4.790  36.032  -2.862 -1.046 2.961 7.699  1.458   
36.350  3 AA_U2650C2651:G2669A2670_AA A 2650 ? A 2670 ? A 2651 ? A 2669 ? 
1 A C 5  1_555 A G 23 1_555 A C 6  1_555 A G 22 1_555 -0.631 -1.966 3.384 0.025  8.359  33.019  -4.642 1.082  2.816 14.420 -0.043  
34.032  4 AA_C2651C2652:G2668G2669_AA A 2651 ? A 2669 ? A 2652 ? A 2668 ? 
1 A C 6  1_555 A G 22 1_555 A U 7  1_555 A C 21 1_555 -0.571 -1.036 3.432 7.279  8.608  54.209  -1.632 1.051  3.151 9.333  -7.892  
55.282  5 AA_C2652U2653:C2667G2668_AA A 2652 ? A 2668 ? A 2653 ? A 2667 ? 
1 A U 7  1_555 A C 21 1_555 A U 10 1_555 A A 19 1_555 0.510  -0.888 6.255 5.427  -4.002 31.659  -0.220 0.948  6.315 -7.232 -9.808  
32.351  6 AA_U2653U2656:A2665C2667_AA A 2653 ? A 2667 ? A 2656 ? A 2665 ? 
1 A U 10 1_555 A A 19 1_555 A A 11 1_555 A G 18 1_555 5.192  -1.337 3.579 -2.125 -1.614 -10.959 9.688  22.615 4.263 8.290  -10.918 
-11.278 7 AA_U2656A2657:G2664A2665_AA A 2656 ? A 2665 ? A 2657 ? A 2664 ? 
1 A A 11 1_555 A G 18 1_555 A C 12 1_555 A G 17 1_555 0.060  -1.159 3.152 -1.819 3.582  59.695  -1.332 -0.147 3.081 3.594  1.825   
59.818  8 AA_A2657C2658:G2663G2664_AA A 2657 ? A 2664 ? A 2658 ? A 2663 ? 
1 A C 12 1_555 A G 17 1_555 A G 13 1_555 A A 16 1_555 -2.776 -1.345 2.974 -7.707 7.248  50.406  -2.018 2.701  3.130 8.404  8.936   
51.433  9 AA_C2658G2659:A2662G2663_AA A 2658 ? A 2663 ? A 2659 ? A 2662 ? 
# 
_pdbx_audit_support.funding_organization   'Other private' 
_pdbx_audit_support.country                'United States' 
_pdbx_audit_support.grant_number           ? 
_pdbx_audit_support.ordinal                1 
# 
_pdbx_entity_instance_feature.ordinal        1 
_pdbx_entity_instance_feature.comp_id        G46 
_pdbx_entity_instance_feature.asym_id        ? 
_pdbx_entity_instance_feature.seq_num        ? 
_pdbx_entity_instance_feature.auth_comp_id   G46 
_pdbx_entity_instance_feature.auth_asym_id   ? 
_pdbx_entity_instance_feature.auth_seq_num   ? 
_pdbx_entity_instance_feature.feature_type   'SUBJECT OF INVESTIGATION' 
_pdbx_entity_instance_feature.details        ? 
# 
_pdbx_entity_nonpoly.entity_id   2 
_pdbx_entity_nonpoly.name        water 
_pdbx_entity_nonpoly.comp_id     HOH 
# 
_pdbx_initial_refinement_model.id               1 
_pdbx_initial_refinement_model.entity_id_list   ? 
_pdbx_initial_refinement_model.type             'experimental model' 
_pdbx_initial_refinement_model.source_name      PDB 
_pdbx_initial_refinement_model.accession_code   3S7C 
_pdbx_initial_refinement_model.details          'PDB ID: 3S7C' 
# 
_pdbx_struct_assembly_auth_evidence.id                     1 
_pdbx_struct_assembly_auth_evidence.assembly_id            1 
_pdbx_struct_assembly_auth_evidence.experimental_support   none 
_pdbx_struct_assembly_auth_evidence.details                ? 
# 
